data_6XC3
#
_entry.id   6XC3
#
_cell.length_a   109.772
_cell.length_b   109.772
_cell.length_c   235.680
_cell.angle_alpha   90.000
_cell.angle_beta   90.000
_cell.angle_gamma   90.000
#
_symmetry.space_group_name_H-M   'P 41 21 2'
#
loop_
_entity.id
_entity.type
_entity.pdbx_description
1 polymer 'CR3022 heavy chain'
2 polymer 'CR3022 light chain'
3 polymer 'CC12.1 light chain'
4 polymer 'CC12.1 heavy chain'
5 polymer 'Spike protein S1'
6 branched 2-acetamido-2-deoxy-beta-D-glucopyranose-(1-4)-2-acetamido-2-deoxy-beta-D-glucopyranose
7 water water
#
loop_
_entity_poly.entity_id
_entity_poly.type
_entity_poly.pdbx_seq_one_letter_code
_entity_poly.pdbx_strand_id
1 'polypeptide(L)'
;QMQLVQSGTEVKKPGESLKISCKGSGYGFITYWIGWVRQMPGKGLEWMGIIYPGDSETRYSPSFQGQVTISADKSINTAY
LQWSSLKASDTAIYYCAGGSGISTPMDVWGQGTTVTVSSASTKGPSVFPLAPSSKSTSGGTAALGCLVKDYFPEPVTVSW
NSGALTSGVHTFPAVLQSSGLYSLSSVVTVPSSSLGTQTYICNVNHKPSNTKVDKKVEPKSC
;
H
2 'polypeptide(L)'
;DIQLTQSPDSLAVSLGERATINCKSSQSVLYSSINKNYLAWYQQKPGQPPKLLIYWASTRESGVPDRFSGSGSGTDFTLT
ISSLQAEDVAVYYCQQYYSTPYTFGQGTKVEIKRTVAAPSVFIFPPSDEQLKSGTASVVCLLNNFYPREAKVQWKVDNAL
QSGNSQESVTEQDSKDSTYSLSSTLTLSKADYEKHKVYACEVTHQGLSSPVTKSFNRGECS
;
L
3 'polypeptide(L)'
;DIVMTQSPSFLSASVGDRVTITCRASQGISSYLAWYQQKPGKAPKLLIYAASTLQSGVPSRFSGSGSGTEFTLTISSLQP
EDFATYYCQQLNSYPPKFTFGPGTKVEIKRTVAAPSVFIFPPSDEQLKSGTASVVCLLNNFYPREAKVQWKVDNALQSGN
SQESVTEQDSKDSTYSLSSTLTLSKADYEKHKVYACEVTHQGLSSPVTKSFNRGECS
;
A
4 'polypeptide(L)'
;EVQLVESGGGLIQPGGSLRLSCAASGLTVSSNYMSWVRQAPGKGLEWVSVIYSGGSTFYADSVKGRFTISRDNSKNTLYL
QMNSLRAEDTAVYYCARDLDVYGLDVWGQGTTVTVSSASTKGPSVFPLAPSSKSTSGGTAALGCLVKDYFPEPVTVSWNS
GALTSGVHTFPAVLQSSGLYSLSSVVTVPSSSLGTQTYICNVNHKPSNTKVDKKVEPKSC
;
B
5 'polypeptide(L)'
;RVQPTESIVRFPNITNLCPFGEVFNATRFASVYAWNRKRISNCVADYSVLYNSASFSTFKCYGVSPTKLNDLCFTNVYAD
SFVIRGDEVRQIAPGQTGKIADYNYKLPDDFTGCVIAWNSNNLDSKVGGNYNYLYRLFRKSNLKPFERDISTEIYQAGST
PCNGVEGFNCYFPLQSYGFQPTNGVGYQPYRVVVLSFELLHAPATVCGPKKSTNLVKNKCVNFSGHHHHHH
;
C
#
loop_
_chem_comp.id
_chem_comp.type
_chem_comp.name
_chem_comp.formula
NAG D-saccharide, beta linking 2-acetamido-2-deoxy-beta-D-glucopyranose 'C8 H15 N O6'
#
# COMPACT_ATOMS: atom_id res chain seq x y z
N GLN A 1 14.88 24.77 15.78
CA GLN A 1 15.80 24.22 14.79
C GLN A 1 15.78 22.69 14.84
N MET A 2 15.77 22.07 13.67
CA MET A 2 15.64 20.62 13.54
C MET A 2 16.80 20.08 12.71
N GLN A 3 17.18 18.83 12.97
CA GLN A 3 18.28 18.19 12.28
C GLN A 3 18.01 16.70 12.07
N LEU A 4 18.44 16.20 10.92
CA LEU A 4 18.28 14.80 10.55
C LEU A 4 19.64 14.12 10.54
N VAL A 5 19.69 12.88 11.04
CA VAL A 5 20.91 12.08 11.07
C VAL A 5 20.57 10.70 10.53
N GLN A 6 21.31 10.26 9.52
CA GLN A 6 21.01 9.02 8.79
C GLN A 6 21.91 7.88 9.26
N SER A 7 21.48 6.66 8.95
CA SER A 7 22.26 5.47 9.26
C SER A 7 23.56 5.46 8.47
N GLY A 8 24.43 4.50 8.80
CA GLY A 8 25.78 4.46 8.27
C GLY A 8 25.88 3.82 6.90
N THR A 9 27.12 3.76 6.41
CA THR A 9 27.41 3.25 5.08
C THR A 9 26.99 1.79 4.96
N GLU A 10 26.57 1.41 3.75
CA GLU A 10 26.08 0.06 3.46
C GLU A 10 26.80 -0.51 2.26
N VAL A 11 27.27 -1.75 2.40
CA VAL A 11 27.87 -2.51 1.30
C VAL A 11 27.16 -3.85 1.26
N LYS A 12 26.37 -4.08 0.22
CA LYS A 12 25.56 -5.28 0.09
C LYS A 12 25.77 -5.92 -1.27
N LYS A 13 25.42 -7.20 -1.35
CA LYS A 13 25.45 -7.97 -2.59
C LYS A 13 24.09 -7.94 -3.26
N PRO A 14 24.04 -8.16 -4.58
CA PRO A 14 22.74 -8.13 -5.26
C PRO A 14 21.78 -9.17 -4.70
N GLY A 15 20.50 -8.80 -4.64
CA GLY A 15 19.46 -9.66 -4.13
C GLY A 15 19.14 -9.47 -2.66
N GLU A 16 20.11 -9.01 -1.87
CA GLU A 16 19.86 -8.77 -0.45
C GLU A 16 18.84 -7.64 -0.25
N SER A 17 18.19 -7.68 0.91
CA SER A 17 17.32 -6.59 1.32
C SER A 17 18.13 -5.55 2.09
N LEU A 18 17.54 -4.37 2.27
CA LEU A 18 18.21 -3.32 3.01
C LEU A 18 17.19 -2.29 3.47
N LYS A 19 17.39 -1.75 4.67
CA LYS A 19 16.52 -0.69 5.18
C LYS A 19 17.39 0.35 5.88
N ILE A 20 17.58 1.49 5.24
CA ILE A 20 18.33 2.59 5.84
C ILE A 20 17.34 3.52 6.53
N SER A 21 17.85 4.30 7.48
CA SER A 21 17.01 5.06 8.39
C SER A 21 17.47 6.52 8.45
N CYS A 22 16.57 7.36 8.96
CA CYS A 22 16.81 8.79 9.09
C CYS A 22 16.07 9.26 10.34
N LYS A 23 16.81 9.72 11.35
CA LYS A 23 16.21 10.10 12.63
C LYS A 23 16.27 11.61 12.79
N GLY A 24 15.14 12.21 13.13
CA GLY A 24 15.04 13.64 13.35
C GLY A 24 15.16 13.99 14.83
N SER A 25 15.70 15.18 15.09
CA SER A 25 15.92 15.63 16.46
C SER A 25 15.85 17.15 16.49
N GLY A 26 15.31 17.67 17.60
CA GLY A 26 15.23 19.11 17.79
C GLY A 26 13.79 19.56 17.98
N TYR A 27 13.51 20.77 17.52
CA TYR A 27 12.23 21.43 17.76
C TYR A 27 11.40 21.48 16.49
N GLY A 28 10.12 21.18 16.63
CA GLY A 28 9.18 21.31 15.53
C GLY A 28 9.02 20.09 14.65
N PHE A 29 9.58 18.94 15.04
CA PHE A 29 9.56 17.78 14.15
C PHE A 29 8.15 17.36 13.78
N ILE A 30 7.16 17.67 14.63
CA ILE A 30 5.78 17.27 14.37
C ILE A 30 5.29 17.81 13.03
N THR A 31 5.85 18.92 12.56
CA THR A 31 5.41 19.55 11.33
C THR A 31 6.16 19.09 10.10
N TYR A 32 7.09 18.15 10.23
CA TYR A 32 8.05 17.87 9.17
C TYR A 32 7.64 16.64 8.36
N TRP A 33 7.62 16.81 7.04
CA TRP A 33 7.53 15.73 6.08
C TRP A 33 8.93 15.36 5.62
N ILE A 34 9.19 14.06 5.54
CA ILE A 34 10.52 13.54 5.23
C ILE A 34 10.47 12.90 3.85
N GLY A 35 11.22 13.47 2.91
CA GLY A 35 11.40 12.87 1.61
C GLY A 35 12.77 12.23 1.48
N TRP A 36 12.90 11.36 0.51
CA TRP A 36 14.16 10.71 0.20
C TRP A 36 14.60 11.12 -1.21
N VAL A 37 15.91 11.29 -1.36
CA VAL A 37 16.51 11.76 -2.61
C VAL A 37 17.68 10.85 -2.93
N ARG A 38 17.72 10.33 -4.15
CA ARG A 38 18.84 9.54 -4.62
C ARG A 38 19.78 10.41 -5.45
N GLN A 39 21.07 10.18 -5.29
CA GLN A 39 22.09 10.78 -6.15
C GLN A 39 23.02 9.64 -6.56
N MET A 40 22.88 9.18 -7.80
CA MET A 40 23.79 8.19 -8.33
C MET A 40 25.14 8.85 -8.61
N PRO A 41 26.24 8.09 -8.51
CA PRO A 41 27.58 8.69 -8.59
C PRO A 41 27.80 9.55 -9.83
N GLY A 42 28.15 10.82 -9.59
CA GLY A 42 28.39 11.75 -10.68
C GLY A 42 27.14 12.32 -11.32
N LYS A 43 25.96 11.98 -10.82
CA LYS A 43 24.69 12.41 -11.40
C LYS A 43 23.98 13.37 -10.45
N GLY A 44 22.80 13.82 -10.89
CA GLY A 44 22.04 14.82 -10.17
C GLY A 44 21.15 14.23 -9.08
N LEU A 45 20.20 15.04 -8.64
CA LEU A 45 19.30 14.67 -7.56
C LEU A 45 17.98 14.14 -8.11
N GLU A 46 17.48 13.07 -7.49
CA GLU A 46 16.21 12.46 -7.89
C GLU A 46 15.32 12.32 -6.66
N TRP A 47 14.18 13.01 -6.68
CA TRP A 47 13.21 12.88 -5.60
C TRP A 47 12.49 11.54 -5.71
N MET A 48 12.55 10.73 -4.65
CA MET A 48 11.98 9.39 -4.66
C MET A 48 10.57 9.36 -4.09
N GLY A 49 10.36 10.01 -2.95
CA GLY A 49 9.08 9.97 -2.29
C GLY A 49 9.15 10.74 -0.99
N ILE A 50 8.00 10.85 -0.34
CA ILE A 50 7.85 11.66 0.86
C ILE A 50 6.83 10.99 1.78
N ILE A 51 7.00 11.19 3.08
CA ILE A 51 6.14 10.60 4.09
C ILE A 51 5.94 11.59 5.23
N TYR A 52 4.73 11.58 5.79
CA TYR A 52 4.46 12.32 7.02
C TYR A 52 4.43 11.33 8.18
N PRO A 53 5.39 11.40 9.12
CA PRO A 53 5.45 10.39 10.17
C PRO A 53 4.21 10.32 11.06
N GLY A 54 3.54 11.45 11.30
CA GLY A 54 2.44 11.46 12.25
C GLY A 54 1.32 10.49 11.92
N ASP A 55 1.12 10.19 10.64
CA ASP A 55 0.12 9.22 10.25
C ASP A 55 0.57 8.32 9.10
N SER A 56 1.84 8.40 8.71
CA SER A 56 2.42 7.56 7.66
C SER A 56 1.75 7.76 6.31
N GLU A 57 1.20 8.95 6.05
CA GLU A 57 0.80 9.27 4.68
C GLU A 57 2.05 9.30 3.80
N THR A 58 1.96 8.66 2.65
CA THR A 58 3.13 8.49 1.79
C THR A 58 2.76 8.80 0.36
N ARG A 59 3.67 9.49 -0.33
CA ARG A 59 3.53 9.77 -1.75
C ARG A 59 4.82 9.36 -2.45
N TYR A 60 4.69 8.50 -3.46
CA TYR A 60 5.84 8.01 -4.20
C TYR A 60 5.98 8.72 -5.53
N SER A 61 7.21 8.81 -6.01
CA SER A 61 7.43 9.25 -7.38
C SER A 61 7.12 8.10 -8.33
N PRO A 62 6.59 8.40 -9.52
CA PRO A 62 6.29 7.34 -10.48
C PRO A 62 7.47 6.44 -10.80
N SER A 63 8.68 6.99 -10.85
CA SER A 63 9.86 6.19 -11.17
C SER A 63 10.27 5.26 -10.03
N PHE A 64 9.80 5.52 -8.81
CA PHE A 64 10.15 4.69 -7.67
C PHE A 64 8.96 3.98 -7.06
N GLN A 65 7.76 4.19 -7.60
CA GLN A 65 6.59 3.46 -7.14
C GLN A 65 6.78 1.96 -7.38
N GLY A 66 6.62 1.17 -6.32
CA GLY A 66 6.82 -0.26 -6.40
C GLY A 66 8.27 -0.70 -6.41
N GLN A 67 9.22 0.24 -6.39
CA GLN A 67 10.63 -0.09 -6.37
C GLN A 67 11.24 -0.04 -4.98
N VAL A 68 10.68 0.77 -4.09
CA VAL A 68 11.14 0.89 -2.70
C VAL A 68 9.92 1.07 -1.81
N THR A 69 10.14 1.00 -0.51
CA THR A 69 9.10 1.31 0.46
C THR A 69 9.61 2.34 1.45
N ILE A 70 8.85 3.42 1.60
CA ILE A 70 9.14 4.47 2.57
C ILE A 70 8.19 4.32 3.73
N SER A 71 8.74 4.20 4.94
CA SER A 71 7.96 3.98 6.14
C SER A 71 8.43 4.93 7.22
N ALA A 72 7.77 4.89 8.37
CA ALA A 72 8.16 5.75 9.48
C ALA A 72 7.64 5.18 10.79
N ASP A 73 8.40 5.42 11.85
CA ASP A 73 7.95 5.20 13.22
C ASP A 73 8.02 6.54 13.95
N LYS A 74 6.84 7.06 14.31
CA LYS A 74 6.75 8.37 14.95
C LYS A 74 7.32 8.35 16.35
N SER A 75 7.26 7.19 17.03
CA SER A 75 7.69 7.11 18.42
C SER A 75 9.14 7.57 18.59
N ILE A 76 9.99 7.25 17.62
CA ILE A 76 11.41 7.59 17.68
C ILE A 76 11.80 8.65 16.67
N ASN A 77 10.81 9.29 16.03
CA ASN A 77 11.07 10.35 15.05
C ASN A 77 11.90 9.83 13.87
N THR A 78 11.59 8.62 13.41
CA THR A 78 12.46 8.00 12.41
C THR A 78 11.68 7.66 11.15
N ALA A 79 12.29 7.94 10.00
CA ALA A 79 11.82 7.50 8.70
C ALA A 79 12.74 6.41 8.16
N TYR A 80 12.21 5.59 7.27
CA TYR A 80 12.91 4.43 6.75
C TYR A 80 12.71 4.33 5.24
N LEU A 81 13.78 3.92 4.55
CA LEU A 81 13.73 3.59 3.13
C LEU A 81 14.24 2.17 2.97
N GLN A 82 13.45 1.30 2.37
CA GLN A 82 13.82 -0.11 2.30
C GLN A 82 13.64 -0.67 0.90
N TRP A 83 14.59 -1.51 0.48
CA TRP A 83 14.51 -2.35 -0.69
C TRP A 83 14.34 -3.80 -0.24
N SER A 84 13.48 -4.53 -0.95
CA SER A 84 13.32 -5.96 -0.71
C SER A 84 14.48 -6.77 -1.28
N SER A 85 14.92 -6.44 -2.49
CA SER A 85 16.02 -7.14 -3.14
C SER A 85 16.80 -6.15 -4.00
N LEU A 86 18.06 -5.94 -3.67
CA LEU A 86 18.86 -4.88 -4.26
C LEU A 86 19.40 -5.28 -5.63
N LYS A 87 19.56 -4.28 -6.48
CA LYS A 87 20.25 -4.41 -7.76
C LYS A 87 21.52 -3.56 -7.75
N ALA A 88 22.41 -3.85 -8.69
CA ALA A 88 23.64 -3.08 -8.80
C ALA A 88 23.35 -1.62 -9.13
N SER A 89 22.24 -1.37 -9.85
CA SER A 89 21.85 -0.01 -10.18
C SER A 89 21.47 0.82 -8.96
N ASP A 90 21.20 0.17 -7.82
CA ASP A 90 20.83 0.89 -6.61
C ASP A 90 22.02 1.52 -5.91
N THR A 91 23.23 1.34 -6.43
CA THR A 91 24.44 1.93 -5.85
C THR A 91 24.38 3.45 -6.00
N ALA A 92 24.29 4.16 -4.88
CA ALA A 92 24.12 5.62 -4.91
C ALA A 92 24.25 6.14 -3.50
N ILE A 93 24.18 7.46 -3.35
CA ILE A 93 24.05 8.08 -2.04
C ILE A 93 22.59 8.51 -1.88
N TYR A 94 22.04 8.29 -0.69
CA TYR A 94 20.64 8.59 -0.43
C TYR A 94 20.56 9.59 0.71
N TYR A 95 20.00 10.77 0.43
CA TYR A 95 19.79 11.81 1.41
C TYR A 95 18.34 11.78 1.87
N CYS A 96 18.11 11.89 3.18
CA CYS A 96 16.78 12.22 3.66
C CYS A 96 16.71 13.72 3.87
N ALA A 97 15.56 14.30 3.57
CA ALA A 97 15.41 15.75 3.58
C ALA A 97 14.05 16.11 4.16
N GLY A 98 14.01 17.19 4.94
CA GLY A 98 12.78 17.55 5.60
C GLY A 98 12.21 18.89 5.18
N GLY A 99 10.93 18.91 4.87
CA GLY A 99 10.20 20.15 4.64
C GLY A 99 9.09 20.26 5.66
N SER A 100 8.92 21.46 6.22
CA SER A 100 7.91 21.66 7.26
C SER A 100 6.52 21.84 6.64
N GLY A 101 6.07 20.77 5.97
CA GLY A 101 4.80 20.80 5.27
C GLY A 101 4.92 20.24 3.87
N ILE A 102 3.81 20.00 3.19
CA ILE A 102 3.86 19.46 1.83
C ILE A 102 3.71 20.62 0.87
N SER A 103 4.37 20.53 -0.30
CA SER A 103 4.61 21.69 -1.15
C SER A 103 5.33 22.77 -0.35
N THR A 104 6.47 22.36 0.21
CA THR A 104 7.35 23.17 1.05
C THR A 104 8.78 22.82 0.66
N PRO A 105 9.67 23.80 0.58
CA PRO A 105 11.07 23.48 0.27
C PRO A 105 11.70 22.63 1.36
N MET A 106 12.79 21.96 1.00
CA MET A 106 13.45 21.04 1.92
C MET A 106 14.46 21.83 2.75
N ASP A 107 14.09 22.12 4.00
CA ASP A 107 14.92 22.94 4.88
C ASP A 107 16.10 22.16 5.41
N VAL A 108 15.85 20.92 5.83
CA VAL A 108 16.78 20.15 6.64
C VAL A 108 17.21 18.94 5.83
N TRP A 109 18.51 18.72 5.73
CA TRP A 109 19.06 17.57 5.03
C TRP A 109 19.85 16.71 6.00
N GLY A 110 19.66 15.40 5.90
CA GLY A 110 20.57 14.48 6.55
C GLY A 110 21.92 14.51 5.87
N GLN A 111 22.88 13.81 6.47
CA GLN A 111 24.23 13.82 5.93
C GLN A 111 24.42 12.88 4.76
N GLY A 112 23.44 12.03 4.47
CA GLY A 112 23.56 11.11 3.36
C GLY A 112 24.03 9.74 3.79
N THR A 113 23.56 8.71 3.08
CA THR A 113 23.95 7.33 3.32
C THR A 113 24.44 6.72 2.01
N THR A 114 25.69 6.27 2.00
CA THR A 114 26.26 5.67 0.80
C THR A 114 25.91 4.19 0.77
N VAL A 115 25.41 3.72 -0.38
CA VAL A 115 24.98 2.35 -0.57
C VAL A 115 25.69 1.81 -1.80
N THR A 116 26.57 0.83 -1.58
CA THR A 116 27.21 0.09 -2.67
C THR A 116 26.58 -1.29 -2.78
N VAL A 117 26.17 -1.65 -4.00
CA VAL A 117 25.63 -2.97 -4.29
C VAL A 117 26.49 -3.57 -5.38
N SER A 118 27.34 -4.54 -5.01
CA SER A 118 28.18 -5.21 -5.98
C SER A 118 28.49 -6.63 -5.49
N SER A 119 28.67 -7.54 -6.44
CA SER A 119 29.03 -8.91 -6.12
C SER A 119 30.46 -9.05 -5.63
N ALA A 120 31.27 -7.99 -5.71
CA ALA A 120 32.65 -8.05 -5.27
C ALA A 120 32.73 -8.36 -3.79
N SER A 121 33.91 -8.83 -3.39
CA SER A 121 34.20 -9.14 -1.99
C SER A 121 35.26 -8.18 -1.47
N THR A 122 35.27 -8.01 -0.15
CA THR A 122 36.27 -7.16 0.50
C THR A 122 37.67 -7.60 0.10
N LYS A 123 38.46 -6.65 -0.40
CA LYS A 123 39.82 -6.95 -0.82
C LYS A 123 40.68 -5.71 -0.61
N GLY A 124 41.87 -5.91 -0.03
CA GLY A 124 42.78 -4.83 0.23
C GLY A 124 43.55 -4.44 -1.01
N PRO A 125 44.09 -3.22 -1.03
CA PRO A 125 44.75 -2.72 -2.22
C PRO A 125 46.17 -3.24 -2.38
N SER A 126 46.62 -3.27 -3.63
CA SER A 126 48.02 -3.43 -3.96
C SER A 126 48.59 -2.05 -4.23
N VAL A 127 49.75 -1.75 -3.66
CA VAL A 127 50.34 -0.42 -3.77
C VAL A 127 51.64 -0.52 -4.53
N PHE A 128 51.72 0.18 -5.66
CA PHE A 128 52.88 0.15 -6.54
C PHE A 128 53.46 1.55 -6.69
N PRO A 129 54.78 1.66 -6.86
CA PRO A 129 55.38 2.99 -6.96
C PRO A 129 55.37 3.55 -8.36
N LEU A 130 54.81 4.75 -8.53
CA LEU A 130 55.03 5.56 -9.71
C LEU A 130 56.35 6.29 -9.47
N ALA A 131 57.45 5.65 -9.87
CA ALA A 131 58.76 6.17 -9.57
C ALA A 131 59.03 7.42 -10.40
N PRO A 132 59.71 8.41 -9.82
CA PRO A 132 60.01 9.64 -10.58
C PRO A 132 61.06 9.38 -11.66
N SER A 133 60.99 10.19 -12.72
CA SER A 133 61.76 9.88 -13.93
C SER A 133 63.21 10.28 -13.76
N SER A 134 64.11 9.35 -14.08
CA SER A 134 65.55 9.65 -14.09
C SER A 134 65.86 10.87 -14.96
N LYS A 135 65.27 10.95 -16.15
CA LYS A 135 65.46 12.12 -17.00
C LYS A 135 64.40 13.14 -16.60
N SER A 136 64.82 14.18 -15.89
CA SER A 136 63.91 15.23 -15.45
C SER A 136 64.67 16.54 -15.46
N THR A 137 63.92 17.64 -15.63
CA THR A 137 64.53 18.97 -15.60
C THR A 137 65.31 19.15 -14.32
N SER A 138 66.62 19.35 -14.45
CA SER A 138 67.50 19.34 -13.29
C SER A 138 67.14 20.43 -12.30
N GLY A 139 66.83 21.63 -12.80
CA GLY A 139 66.45 22.72 -11.94
C GLY A 139 64.96 22.94 -11.80
N GLY A 140 64.14 22.02 -12.31
CA GLY A 140 62.70 22.18 -12.32
C GLY A 140 61.95 21.27 -11.36
N THR A 141 60.79 20.79 -11.79
CA THR A 141 59.87 20.04 -10.95
C THR A 141 59.75 18.60 -11.43
N ALA A 142 59.80 17.66 -10.50
CA ALA A 142 59.60 16.24 -10.76
C ALA A 142 58.27 15.79 -10.18
N ALA A 143 57.79 14.64 -10.65
CA ALA A 143 56.54 14.07 -10.17
C ALA A 143 56.75 12.60 -9.85
N LEU A 144 56.18 12.17 -8.72
CA LEU A 144 56.22 10.77 -8.30
C LEU A 144 54.85 10.43 -7.72
N GLY A 145 54.65 9.18 -7.34
CA GLY A 145 53.37 8.85 -6.74
C GLY A 145 53.23 7.38 -6.41
N CYS A 146 51.99 7.01 -6.10
CA CYS A 146 51.61 5.65 -5.75
C CYS A 146 50.37 5.26 -6.53
N LEU A 147 50.33 4.00 -6.98
CA LEU A 147 49.16 3.41 -7.60
C LEU A 147 48.53 2.45 -6.61
N VAL A 148 47.31 2.76 -6.17
CA VAL A 148 46.57 1.98 -5.20
C VAL A 148 45.50 1.22 -5.98
N LYS A 149 45.78 -0.04 -6.31
CA LYS A 149 45.02 -0.77 -7.31
C LYS A 149 44.29 -1.95 -6.69
N ASP A 150 43.14 -2.30 -7.29
CA ASP A 150 42.38 -3.51 -6.98
C ASP A 150 42.00 -3.61 -5.51
N TYR A 151 40.97 -2.86 -5.11
CA TYR A 151 40.45 -2.94 -3.74
C TYR A 151 38.93 -2.79 -3.76
N PHE A 152 38.31 -3.21 -2.67
CA PHE A 152 36.87 -3.16 -2.50
C PHE A 152 36.56 -3.36 -1.02
N PRO A 153 35.60 -2.61 -0.45
CA PRO A 153 34.92 -1.52 -1.14
C PRO A 153 35.65 -0.22 -0.92
N GLU A 154 34.99 0.89 -1.20
CA GLU A 154 35.55 2.20 -0.88
C GLU A 154 35.32 2.50 0.60
N PRO A 155 36.13 3.41 1.18
CA PRO A 155 37.23 4.14 0.57
C PRO A 155 38.61 3.70 1.04
N VAL A 156 39.64 4.29 0.45
CA VAL A 156 40.99 4.21 0.98
C VAL A 156 41.48 5.62 1.25
N THR A 157 42.45 5.73 2.14
CA THR A 157 43.10 6.98 2.48
C THR A 157 44.57 6.90 2.07
N VAL A 158 45.10 8.02 1.59
CA VAL A 158 46.50 8.10 1.18
C VAL A 158 47.10 9.36 1.76
N SER A 159 48.21 9.22 2.48
CA SER A 159 49.01 10.34 2.95
C SER A 159 50.44 10.17 2.46
N TRP A 160 51.24 11.22 2.63
CA TRP A 160 52.63 11.20 2.22
C TRP A 160 53.52 11.60 3.38
N ASN A 161 54.50 10.75 3.68
CA ASN A 161 55.37 10.93 4.84
C ASN A 161 54.54 11.02 6.13
N SER A 162 53.51 10.18 6.21
CA SER A 162 52.60 10.13 7.35
C SER A 162 52.08 11.51 7.72
N GLY A 163 51.64 12.25 6.69
CA GLY A 163 50.97 13.52 6.89
C GLY A 163 51.84 14.74 6.75
N ALA A 164 53.17 14.58 6.71
CA ALA A 164 54.05 15.74 6.66
C ALA A 164 53.94 16.48 5.33
N LEU A 165 53.81 15.73 4.24
CA LEU A 165 53.78 16.29 2.89
C LEU A 165 52.33 16.41 2.42
N THR A 166 51.87 17.65 2.20
CA THR A 166 50.51 17.86 1.69
C THR A 166 50.51 18.76 0.47
N SER A 167 51.41 19.74 0.43
CA SER A 167 51.45 20.66 -0.70
C SER A 167 51.94 19.94 -1.96
N GLY A 168 51.25 20.19 -3.08
CA GLY A 168 51.56 19.53 -4.32
C GLY A 168 51.01 18.14 -4.48
N VAL A 169 50.16 17.70 -3.54
CA VAL A 169 49.63 16.34 -3.54
C VAL A 169 48.26 16.35 -4.21
N HIS A 170 48.03 15.38 -5.10
CA HIS A 170 46.73 15.15 -5.70
C HIS A 170 46.42 13.66 -5.57
N THR A 171 45.42 13.33 -4.77
CA THR A 171 44.88 11.97 -4.72
C THR A 171 43.62 11.94 -5.56
N PHE A 172 43.63 11.17 -6.64
CA PHE A 172 42.54 11.18 -7.59
C PHE A 172 41.36 10.37 -7.08
N PRO A 173 40.16 10.66 -7.58
CA PRO A 173 39.01 9.81 -7.25
C PRO A 173 39.20 8.42 -7.79
N ALA A 174 38.59 7.44 -7.11
CA ALA A 174 38.70 6.05 -7.54
C ALA A 174 37.86 5.81 -8.79
N VAL A 175 38.30 4.87 -9.61
CA VAL A 175 37.53 4.38 -10.75
C VAL A 175 37.12 2.94 -10.47
N LEU A 176 35.93 2.58 -10.90
CA LEU A 176 35.47 1.20 -10.84
C LEU A 176 35.93 0.50 -12.11
N GLN A 177 36.58 -0.64 -11.95
CA GLN A 177 37.16 -1.33 -13.10
C GLN A 177 36.22 -2.40 -13.62
N SER A 178 36.53 -2.87 -14.83
CA SER A 178 36.01 -4.09 -15.42
C SER A 178 35.72 -5.16 -14.37
N SER A 179 36.64 -5.34 -13.44
CA SER A 179 36.64 -6.41 -12.46
C SER A 179 35.74 -6.15 -11.26
N GLY A 180 35.05 -5.02 -11.21
CA GLY A 180 34.31 -4.69 -10.01
C GLY A 180 35.15 -4.21 -8.85
N LEU A 181 36.46 -4.05 -9.04
CA LEU A 181 37.35 -3.54 -8.03
C LEU A 181 37.69 -2.08 -8.31
N TYR A 182 37.96 -1.33 -7.24
CA TYR A 182 38.30 0.08 -7.35
C TYR A 182 39.81 0.25 -7.44
N SER A 183 40.22 1.29 -8.17
CA SER A 183 41.63 1.61 -8.28
C SER A 183 41.78 3.12 -8.36
N LEU A 184 42.95 3.60 -7.94
CA LEU A 184 43.16 5.00 -7.62
C LEU A 184 44.67 5.25 -7.71
N SER A 185 45.04 6.54 -7.82
CA SER A 185 46.45 6.91 -7.76
C SER A 185 46.58 8.22 -7.01
N SER A 186 47.72 8.38 -6.35
CA SER A 186 48.08 9.62 -5.68
C SER A 186 49.42 10.08 -6.23
N VAL A 187 49.57 11.39 -6.43
CA VAL A 187 50.76 11.95 -7.07
C VAL A 187 51.23 13.16 -6.29
N VAL A 188 52.54 13.40 -6.33
CA VAL A 188 53.16 14.56 -5.71
C VAL A 188 54.15 15.17 -6.68
N THR A 189 54.16 16.49 -6.77
CA THR A 189 55.20 17.24 -7.46
C THR A 189 56.19 17.78 -6.42
N VAL A 190 57.47 17.52 -6.64
CA VAL A 190 58.54 17.93 -5.74
C VAL A 190 59.62 18.61 -6.58
N PRO A 191 60.61 19.27 -5.98
CA PRO A 191 61.77 19.70 -6.78
C PRO A 191 62.66 18.51 -7.09
N SER A 192 63.23 18.53 -8.30
CA SER A 192 64.22 17.52 -8.65
C SER A 192 65.40 17.56 -7.68
N SER A 193 65.71 18.77 -7.19
CA SER A 193 66.72 18.98 -6.15
C SER A 193 66.69 17.91 -5.07
N SER A 194 65.51 17.62 -4.54
CA SER A 194 65.35 16.75 -3.39
C SER A 194 65.17 15.28 -3.75
N LEU A 195 65.36 14.91 -5.02
CA LEU A 195 65.08 13.53 -5.42
C LEU A 195 66.01 12.53 -4.75
N GLY A 196 67.26 12.91 -4.50
CA GLY A 196 68.19 11.99 -3.89
C GLY A 196 68.22 12.06 -2.37
N THR A 197 68.06 13.26 -1.83
CA THR A 197 68.21 13.47 -0.39
C THR A 197 66.93 13.14 0.36
N GLN A 198 65.83 13.79 0.00
CA GLN A 198 64.56 13.53 0.65
C GLN A 198 64.00 12.17 0.21
N THR A 199 63.43 11.43 1.17
CA THR A 199 62.78 10.17 0.86
C THR A 199 61.27 10.34 0.97
N TYR A 200 60.55 9.74 0.03
CA TYR A 200 59.10 9.86 -0.04
C TYR A 200 58.48 8.48 0.17
N ILE A 201 57.58 8.40 1.14
CA ILE A 201 56.84 7.18 1.42
C ILE A 201 55.36 7.54 1.42
N CYS A 202 54.56 6.77 0.70
CA CYS A 202 53.12 6.96 0.70
C CYS A 202 52.48 5.93 1.63
N ASN A 203 51.54 6.40 2.44
CA ASN A 203 50.89 5.60 3.47
C ASN A 203 49.43 5.41 3.06
N VAL A 204 49.07 4.17 2.76
CA VAL A 204 47.75 3.81 2.28
C VAL A 204 47.03 3.05 3.38
N ASN A 205 45.76 3.37 3.59
CA ASN A 205 44.97 2.75 4.64
C ASN A 205 43.60 2.40 4.08
N HIS A 206 43.24 1.13 4.17
CA HIS A 206 41.95 0.59 3.73
C HIS A 206 41.33 -0.07 4.95
N LYS A 207 40.50 0.69 5.67
CA LYS A 207 39.88 0.23 6.90
C LYS A 207 38.88 -0.91 6.69
N PRO A 208 38.10 -0.94 5.61
CA PRO A 208 37.19 -2.09 5.42
C PRO A 208 37.91 -3.45 5.42
N SER A 209 39.08 -3.53 4.80
CA SER A 209 39.89 -4.74 4.85
C SER A 209 40.95 -4.68 5.93
N ASN A 210 40.96 -3.62 6.74
CA ASN A 210 41.92 -3.43 7.82
C ASN A 210 43.35 -3.66 7.32
N THR A 211 43.75 -2.80 6.39
CA THR A 211 45.01 -2.96 5.68
C THR A 211 45.76 -1.64 5.65
N LYS A 212 46.95 -1.61 6.25
CA LYS A 212 47.85 -0.49 6.14
C LYS A 212 49.06 -0.90 5.34
N VAL A 213 49.50 -0.03 4.43
CA VAL A 213 50.65 -0.31 3.57
C VAL A 213 51.44 0.98 3.41
N ASP A 214 52.70 0.97 3.84
CA ASP A 214 53.62 2.05 3.53
C ASP A 214 54.51 1.61 2.39
N LYS A 215 54.70 2.49 1.40
CA LYS A 215 55.45 2.17 0.21
C LYS A 215 56.44 3.28 -0.08
N LYS A 216 57.72 2.95 -0.10
CA LYS A 216 58.76 3.90 -0.46
C LYS A 216 58.78 4.09 -1.97
N VAL A 217 58.83 5.33 -2.41
CA VAL A 217 58.87 5.69 -3.82
C VAL A 217 60.22 6.33 -4.08
N GLU A 218 61.08 5.61 -4.79
CA GLU A 218 62.47 6.01 -5.02
C GLU A 218 62.78 5.90 -6.50
N PRO A 219 63.68 6.75 -7.02
CA PRO A 219 64.13 6.60 -8.40
C PRO A 219 64.69 5.21 -8.68
N LYS A 220 64.07 4.52 -9.63
CA LYS A 220 64.58 3.25 -10.13
C LYS A 220 66.04 3.42 -10.54
N SER A 221 66.92 2.61 -9.95
CA SER A 221 68.36 2.69 -10.18
C SER A 221 68.79 2.19 -11.57
N CYS A 222 67.83 1.86 -12.45
CA CYS A 222 68.05 1.20 -13.74
C CYS A 222 69.34 0.40 -13.91
N ASP B 1 5.68 14.84 -14.54
CA ASP B 1 4.63 15.83 -14.77
C ASP B 1 5.24 17.21 -15.04
N ILE B 2 5.69 17.89 -13.99
CA ILE B 2 6.36 19.18 -14.13
C ILE B 2 7.86 18.93 -14.21
N GLN B 3 8.46 19.30 -15.34
CA GLN B 3 9.88 19.08 -15.56
C GLN B 3 10.61 20.41 -15.66
N LEU B 4 11.84 20.43 -15.17
CA LEU B 4 12.66 21.64 -15.11
C LEU B 4 13.94 21.43 -15.90
N THR B 5 14.32 22.42 -16.70
CA THR B 5 15.57 22.36 -17.46
C THR B 5 16.43 23.56 -17.09
N GLN B 6 17.66 23.29 -16.68
CA GLN B 6 18.61 24.33 -16.33
C GLN B 6 19.53 24.66 -17.50
N SER B 7 20.00 25.90 -17.52
CA SER B 7 20.91 26.39 -18.54
C SER B 7 21.88 27.34 -17.88
N PRO B 8 23.19 27.19 -18.10
CA PRO B 8 23.79 26.08 -18.83
C PRO B 8 24.13 24.92 -17.90
N ASP B 9 24.74 23.87 -18.43
CA ASP B 9 25.16 22.75 -17.59
C ASP B 9 26.40 23.09 -16.79
N SER B 10 27.33 23.85 -17.39
CA SER B 10 28.54 24.29 -16.73
C SER B 10 28.69 25.80 -16.92
N LEU B 11 29.46 26.41 -16.03
CA LEU B 11 29.56 27.86 -16.02
C LEU B 11 30.86 28.25 -15.31
N ALA B 12 31.69 29.04 -15.99
CA ALA B 12 32.96 29.49 -15.46
C ALA B 12 32.92 31.01 -15.29
N VAL B 13 33.14 31.48 -14.07
CA VAL B 13 33.06 32.89 -13.74
C VAL B 13 34.35 33.29 -13.04
N SER B 14 34.89 34.46 -13.39
CA SER B 14 35.99 35.02 -12.64
C SER B 14 35.48 35.49 -11.28
N LEU B 15 36.37 35.52 -10.30
CA LEU B 15 36.00 35.99 -8.98
C LEU B 15 35.49 37.43 -9.05
N GLY B 16 34.50 37.74 -8.23
CA GLY B 16 33.90 39.07 -8.21
C GLY B 16 32.90 39.35 -9.31
N GLU B 17 32.90 38.58 -10.40
CA GLU B 17 31.94 38.78 -11.47
C GLU B 17 30.66 38.00 -11.19
N ARG B 18 29.67 38.16 -12.07
CA ARG B 18 28.32 37.68 -11.83
C ARG B 18 28.08 36.35 -12.56
N ALA B 19 27.53 35.38 -11.82
CA ALA B 19 27.06 34.13 -12.37
C ALA B 19 25.54 34.16 -12.48
N THR B 20 25.01 33.64 -13.58
CA THR B 20 23.58 33.62 -13.84
C THR B 20 23.19 32.24 -14.35
N ILE B 21 22.25 31.60 -13.64
CA ILE B 21 21.75 30.28 -13.98
C ILE B 21 20.26 30.38 -14.24
N ASN B 22 19.79 29.78 -15.34
CA ASN B 22 18.39 29.84 -15.72
C ASN B 22 17.73 28.49 -15.52
N CYS B 23 16.47 28.51 -15.08
CA CYS B 23 15.66 27.32 -14.89
C CYS B 23 14.33 27.58 -15.59
N LYS B 24 13.98 26.71 -16.53
CA LYS B 24 12.74 26.83 -17.29
C LYS B 24 11.82 25.68 -16.93
N SER B 25 10.58 26.04 -16.59
CA SER B 25 9.58 25.08 -16.13
C SER B 25 8.77 24.56 -17.29
N SER B 26 8.39 23.28 -17.23
CA SER B 26 7.53 22.72 -18.25
C SER B 26 6.10 23.23 -18.13
N GLN B 27 5.74 23.77 -16.97
CA GLN B 27 4.39 24.26 -16.70
C GLN B 27 4.49 25.22 -15.52
N SER B 28 3.65 26.25 -15.54
CA SER B 28 3.74 27.32 -14.54
C SER B 28 3.57 26.76 -13.13
N VAL B 29 4.27 27.37 -12.18
CA VAL B 29 4.25 26.91 -10.79
C VAL B 29 3.87 28.08 -9.87
N LEU B 30 2.87 28.85 -10.26
CA LEU B 30 2.45 30.03 -9.50
C LEU B 30 1.04 29.82 -8.95
N TYR B 31 0.94 29.40 -7.69
CA TYR B 31 -0.31 29.50 -6.95
C TYR B 31 -0.84 30.92 -7.08
N SER B 32 -1.96 31.10 -7.80
CA SER B 32 -2.50 32.45 -7.92
C SER B 32 -3.14 32.91 -6.62
N SER B 33 -3.60 31.98 -5.79
CA SER B 33 -4.21 32.34 -4.51
C SER B 33 -3.22 33.10 -3.63
N ILE B 34 -2.07 32.49 -3.34
CA ILE B 34 -1.06 33.13 -2.50
C ILE B 34 -0.11 34.02 -3.30
N ASN B 35 -0.06 33.87 -4.63
CA ASN B 35 0.84 34.63 -5.50
C ASN B 35 2.30 34.42 -5.09
N LYS B 36 2.73 33.16 -5.19
CA LYS B 36 4.12 32.77 -4.96
C LYS B 36 4.47 31.66 -5.92
N ASN B 37 5.67 31.71 -6.49
CA ASN B 37 6.16 30.66 -7.37
C ASN B 37 6.82 29.58 -6.52
N TYR B 38 6.35 28.35 -6.64
CA TYR B 38 6.79 27.26 -5.77
C TYR B 38 8.06 26.63 -6.36
N LEU B 39 9.16 27.36 -6.21
CA LEU B 39 10.42 27.06 -6.88
C LEU B 39 11.56 27.36 -5.93
N ALA B 40 12.52 26.45 -5.86
CA ALA B 40 13.61 26.51 -4.89
C ALA B 40 14.95 26.32 -5.58
N TRP B 41 15.99 26.92 -5.00
CA TRP B 41 17.36 26.80 -5.44
C TRP B 41 18.21 26.25 -4.30
N TYR B 42 18.91 25.15 -4.59
CA TYR B 42 19.79 24.46 -3.67
C TYR B 42 21.23 24.49 -4.18
N GLN B 43 22.17 24.46 -3.23
CA GLN B 43 23.59 24.42 -3.52
C GLN B 43 24.18 23.13 -2.95
N GLN B 44 25.09 22.51 -3.70
CA GLN B 44 25.75 21.28 -3.24
C GLN B 44 27.22 21.34 -3.62
N LYS B 45 28.08 21.41 -2.60
CA LYS B 45 29.53 21.33 -2.67
C LYS B 45 29.96 19.87 -2.57
N PRO B 46 31.08 19.51 -3.19
CA PRO B 46 31.44 18.09 -3.31
C PRO B 46 31.54 17.41 -1.94
N GLY B 47 30.90 16.25 -1.84
CA GLY B 47 30.91 15.48 -0.61
C GLY B 47 30.00 16.00 0.48
N GLN B 48 29.23 17.05 0.23
CA GLN B 48 28.28 17.58 1.21
C GLN B 48 26.85 17.44 0.69
N PRO B 49 25.87 17.39 1.59
CA PRO B 49 24.47 17.36 1.16
C PRO B 49 24.06 18.69 0.55
N PRO B 50 22.95 18.72 -0.19
CA PRO B 50 22.45 20.00 -0.69
C PRO B 50 22.02 20.92 0.45
N LYS B 51 22.04 22.22 0.17
CA LYS B 51 21.64 23.23 1.12
C LYS B 51 20.67 24.19 0.44
N LEU B 52 19.55 24.48 1.12
CA LEU B 52 18.56 25.39 0.56
C LEU B 52 19.09 26.82 0.56
N LEU B 53 19.16 27.42 -0.62
CA LEU B 53 19.52 28.82 -0.78
C LEU B 53 18.30 29.72 -0.88
N ILE B 54 17.38 29.39 -1.77
CA ILE B 54 16.28 30.30 -2.09
C ILE B 54 14.99 29.50 -2.21
N TYR B 55 13.91 30.02 -1.64
CA TYR B 55 12.60 29.42 -1.79
C TYR B 55 11.60 30.47 -2.24
N TRP B 56 10.47 29.99 -2.76
CA TRP B 56 9.46 30.84 -3.40
C TRP B 56 10.10 31.74 -4.46
N ALA B 57 11.07 31.18 -5.19
CA ALA B 57 11.73 31.79 -6.33
C ALA B 57 12.67 32.93 -5.95
N SER B 58 12.38 33.68 -4.88
CA SER B 58 13.13 34.88 -4.60
C SER B 58 13.38 35.17 -3.13
N THR B 59 12.91 34.33 -2.20
CA THR B 59 13.12 34.57 -0.78
C THR B 59 14.38 33.84 -0.31
N ARG B 60 15.28 34.56 0.33
CA ARG B 60 16.54 33.99 0.77
C ARG B 60 16.36 33.26 2.10
N GLU B 61 16.93 32.06 2.18
CA GLU B 61 17.03 31.35 3.44
C GLU B 61 17.96 32.10 4.38
N SER B 62 17.79 31.89 5.69
CA SER B 62 18.57 32.61 6.67
C SER B 62 20.03 32.17 6.63
N GLY B 63 20.93 33.13 6.87
CA GLY B 63 22.34 32.88 6.73
C GLY B 63 22.90 33.00 5.33
N VAL B 64 22.06 32.96 4.31
CA VAL B 64 22.49 33.03 2.93
C VAL B 64 22.88 34.46 2.58
N PRO B 65 24.12 34.70 2.15
CA PRO B 65 24.54 36.07 1.83
C PRO B 65 23.72 36.69 0.72
N ASP B 66 23.69 38.02 0.69
CA ASP B 66 22.84 38.75 -0.22
C ASP B 66 23.35 38.75 -1.66
N ARG B 67 24.52 38.17 -1.94
CA ARG B 67 24.95 38.09 -3.33
C ARG B 67 24.16 37.05 -4.11
N PHE B 68 23.45 36.16 -3.42
CA PHE B 68 22.51 35.25 -4.06
C PHE B 68 21.15 35.92 -4.15
N SER B 69 20.60 35.97 -5.36
CA SER B 69 19.25 36.49 -5.54
C SER B 69 18.51 35.62 -6.56
N GLY B 70 17.25 35.33 -6.26
CA GLY B 70 16.39 34.59 -7.18
C GLY B 70 15.36 35.54 -7.75
N SER B 71 15.04 35.34 -9.03
CA SER B 71 14.02 36.15 -9.68
C SER B 71 13.33 35.29 -10.74
N GLY B 72 12.35 35.88 -11.40
CA GLY B 72 11.57 35.20 -12.41
C GLY B 72 10.16 34.90 -11.95
N SER B 73 9.38 34.38 -12.88
CA SER B 73 7.98 34.07 -12.61
C SER B 73 7.46 33.12 -13.68
N GLY B 74 6.25 32.62 -13.45
CA GLY B 74 5.60 31.71 -14.37
C GLY B 74 6.39 30.46 -14.66
N THR B 75 7.09 30.44 -15.79
CA THR B 75 7.88 29.30 -16.20
C THR B 75 9.37 29.60 -16.29
N ASP B 76 9.79 30.84 -16.06
CA ASP B 76 11.17 31.25 -16.28
C ASP B 76 11.74 31.85 -15.00
N PHE B 77 12.82 31.25 -14.49
CA PHE B 77 13.41 31.69 -13.24
C PHE B 77 14.92 31.78 -13.39
N THR B 78 15.52 32.64 -12.58
CA THR B 78 16.95 32.89 -12.64
C THR B 78 17.52 32.97 -11.23
N LEU B 79 18.69 32.34 -11.06
CA LEU B 79 19.51 32.49 -9.86
C LEU B 79 20.75 33.29 -10.24
N THR B 80 21.07 34.31 -9.44
CA THR B 80 22.17 35.20 -9.72
C THR B 80 23.08 35.26 -8.51
N ILE B 81 24.39 35.12 -8.76
CA ILE B 81 25.41 35.41 -7.77
C ILE B 81 26.15 36.65 -8.27
N SER B 82 25.99 37.76 -7.55
CA SER B 82 26.43 39.06 -8.08
C SER B 82 27.94 39.20 -8.06
N SER B 83 28.61 38.66 -7.05
CA SER B 83 30.06 38.71 -6.97
C SER B 83 30.55 37.32 -6.59
N LEU B 84 30.89 36.52 -7.59
CA LEU B 84 31.31 35.15 -7.37
C LEU B 84 32.49 35.12 -6.41
N GLN B 85 32.42 34.21 -5.45
CA GLN B 85 33.49 34.02 -4.48
C GLN B 85 33.87 32.55 -4.45
N ALA B 86 35.11 32.28 -4.01
CA ALA B 86 35.63 30.92 -4.02
C ALA B 86 34.74 29.97 -3.23
N GLU B 87 34.06 30.48 -2.19
CA GLU B 87 33.15 29.68 -1.38
C GLU B 87 31.87 29.33 -2.13
N ASP B 88 31.67 29.84 -3.35
CA ASP B 88 30.47 29.58 -4.11
C ASP B 88 30.65 28.50 -5.16
N VAL B 89 31.82 27.89 -5.26
CA VAL B 89 32.07 26.84 -6.23
C VAL B 89 31.25 25.61 -5.85
N ALA B 90 30.37 25.18 -6.75
CA ALA B 90 29.42 24.12 -6.39
C ALA B 90 28.48 23.77 -7.54
N VAL B 91 27.60 22.80 -7.33
CA VAL B 91 26.53 22.49 -8.27
C VAL B 91 25.23 23.04 -7.72
N TYR B 92 24.51 23.79 -8.54
CA TYR B 92 23.26 24.43 -8.15
C TYR B 92 22.09 23.75 -8.85
N TYR B 93 21.04 23.47 -8.08
CA TYR B 93 19.87 22.77 -8.59
C TYR B 93 18.63 23.62 -8.34
N CYS B 94 17.78 23.75 -9.35
CA CYS B 94 16.43 24.22 -9.07
C CYS B 94 15.52 23.01 -8.83
N GLN B 95 14.42 23.28 -8.13
CA GLN B 95 13.46 22.24 -7.78
C GLN B 95 12.10 22.89 -7.67
N GLN B 96 11.08 22.24 -8.23
CA GLN B 96 9.71 22.69 -8.03
C GLN B 96 9.08 21.87 -6.92
N TYR B 97 8.29 22.53 -6.07
CA TYR B 97 7.48 21.84 -5.08
C TYR B 97 6.01 22.25 -5.23
N TYR B 98 5.64 22.68 -6.44
CA TYR B 98 4.26 23.06 -6.71
C TYR B 98 3.30 21.90 -6.48
N SER B 99 3.75 20.68 -6.76
CA SER B 99 2.91 19.50 -6.65
C SER B 99 3.79 18.28 -6.55
N THR B 100 3.32 17.27 -5.85
CA THR B 100 4.02 16.00 -5.93
C THR B 100 3.71 15.34 -7.26
N PRO B 101 4.70 14.67 -7.89
CA PRO B 101 6.08 14.49 -7.42
C PRO B 101 6.97 15.72 -7.60
N TYR B 102 7.81 15.99 -6.60
CA TYR B 102 8.80 17.05 -6.72
C TYR B 102 9.85 16.64 -7.76
N THR B 103 10.36 17.64 -8.49
CA THR B 103 11.32 17.37 -9.55
C THR B 103 12.46 18.38 -9.48
N PHE B 104 13.67 17.89 -9.72
CA PHE B 104 14.88 18.70 -9.70
C PHE B 104 15.34 19.02 -11.11
N GLY B 105 16.00 20.16 -11.25
CA GLY B 105 16.75 20.44 -12.45
C GLY B 105 17.91 19.47 -12.63
N GLN B 106 18.53 19.56 -13.80
CA GLN B 106 19.68 18.70 -14.09
C GLN B 106 20.89 19.06 -13.26
N GLY B 107 20.97 20.30 -12.76
CA GLY B 107 22.16 20.76 -12.06
C GLY B 107 23.09 21.58 -12.93
N THR B 108 23.65 22.64 -12.36
CA THR B 108 24.58 23.51 -13.05
C THR B 108 25.87 23.57 -12.24
N LYS B 109 26.96 23.08 -12.82
CA LYS B 109 28.26 23.16 -12.17
C LYS B 109 28.83 24.56 -12.34
N VAL B 110 29.29 25.16 -11.24
CA VAL B 110 29.85 26.50 -11.25
C VAL B 110 31.25 26.44 -10.65
N GLU B 111 32.22 26.91 -11.44
CA GLU B 111 33.65 26.86 -11.16
C GLU B 111 34.24 28.26 -11.32
N ILE B 112 35.46 28.43 -10.83
CA ILE B 112 36.17 29.70 -10.98
C ILE B 112 36.89 29.72 -12.33
N LYS B 113 36.74 30.81 -13.07
CA LYS B 113 37.48 31.01 -14.31
C LYS B 113 38.77 31.75 -14.00
N ARG B 114 39.90 31.11 -14.27
CA ARG B 114 41.21 31.73 -14.16
C ARG B 114 41.87 31.75 -15.54
N THR B 115 43.09 32.24 -15.60
CA THR B 115 43.80 32.29 -16.86
C THR B 115 44.14 30.87 -17.33
N VAL B 116 44.23 30.72 -18.65
CA VAL B 116 44.59 29.43 -19.24
C VAL B 116 45.95 29.01 -18.71
N ALA B 117 46.05 27.75 -18.28
CA ALA B 117 47.28 27.20 -17.75
C ALA B 117 47.51 25.83 -18.35
N ALA B 118 48.62 25.67 -19.06
CA ALA B 118 48.94 24.40 -19.68
C ALA B 118 49.26 23.35 -18.61
N PRO B 119 48.96 22.09 -18.88
CA PRO B 119 49.34 21.03 -17.93
C PRO B 119 50.81 20.67 -18.05
N SER B 120 51.36 20.17 -16.94
CA SER B 120 52.64 19.51 -16.98
C SER B 120 52.39 18.02 -17.14
N VAL B 121 53.06 17.40 -18.12
CA VAL B 121 52.78 16.03 -18.48
C VAL B 121 53.91 15.13 -17.98
N PHE B 122 53.54 14.04 -17.31
CA PHE B 122 54.48 13.05 -16.84
C PHE B 122 53.95 11.67 -17.22
N ILE B 123 54.85 10.70 -17.38
CA ILE B 123 54.45 9.34 -17.69
C ILE B 123 55.26 8.38 -16.82
N PHE B 124 54.60 7.31 -16.37
CA PHE B 124 55.17 6.36 -15.42
C PHE B 124 54.94 4.97 -15.98
N PRO B 125 56.01 4.21 -16.24
CA PRO B 125 55.86 2.81 -16.66
C PRO B 125 55.34 1.97 -15.51
N PRO B 126 54.92 0.73 -15.78
CA PRO B 126 54.54 -0.16 -14.68
C PRO B 126 55.74 -0.49 -13.81
N SER B 127 55.51 -0.53 -12.51
CA SER B 127 56.53 -1.01 -11.59
C SER B 127 56.81 -2.48 -11.84
N ASP B 128 58.06 -2.89 -11.63
CA ASP B 128 58.41 -4.30 -11.81
C ASP B 128 57.68 -5.17 -10.81
N GLU B 129 57.40 -4.64 -9.62
CA GLU B 129 56.55 -5.37 -8.67
C GLU B 129 55.19 -5.66 -9.29
N GLN B 130 54.64 -4.69 -10.04
CA GLN B 130 53.39 -4.95 -10.73
C GLN B 130 53.58 -5.79 -11.98
N LEU B 131 54.78 -5.81 -12.56
CA LEU B 131 54.99 -6.72 -13.68
C LEU B 131 54.99 -8.16 -13.20
N LYS B 132 55.44 -8.40 -11.97
CA LYS B 132 55.24 -9.71 -11.37
C LYS B 132 53.76 -10.01 -11.13
N SER B 133 52.92 -8.97 -11.02
CA SER B 133 51.49 -9.22 -10.84
C SER B 133 50.87 -9.97 -12.00
N GLY B 134 51.34 -9.71 -13.22
CA GLY B 134 50.73 -10.23 -14.43
C GLY B 134 50.00 -9.17 -15.23
N THR B 135 49.65 -8.05 -14.60
CA THR B 135 49.11 -6.90 -15.30
C THR B 135 50.14 -5.77 -15.34
N ALA B 136 49.83 -4.75 -16.14
CA ALA B 136 50.69 -3.60 -16.28
C ALA B 136 49.84 -2.36 -16.43
N SER B 137 50.20 -1.31 -15.69
CA SER B 137 49.49 -0.05 -15.71
C SER B 137 50.49 1.05 -16.02
N VAL B 138 50.30 1.70 -17.17
CA VAL B 138 51.03 2.90 -17.53
C VAL B 138 50.20 4.10 -17.11
N VAL B 139 50.80 5.04 -16.39
CA VAL B 139 50.07 6.20 -15.89
C VAL B 139 50.61 7.45 -16.58
N CYS B 140 49.70 8.31 -17.03
CA CYS B 140 50.05 9.60 -17.60
C CYS B 140 49.36 10.68 -16.80
N LEU B 141 50.15 11.60 -16.24
CA LEU B 141 49.66 12.64 -15.36
C LEU B 141 49.68 13.99 -16.07
N LEU B 142 48.52 14.64 -16.15
CA LEU B 142 48.39 16.03 -16.53
C LEU B 142 48.20 16.84 -15.26
N ASN B 143 49.12 17.76 -14.99
CA ASN B 143 49.20 18.42 -13.69
C ASN B 143 48.91 19.91 -13.83
N ASN B 144 47.96 20.39 -13.03
CA ASN B 144 47.73 21.81 -12.76
C ASN B 144 47.43 22.59 -14.04
N PHE B 145 46.33 22.22 -14.69
CA PHE B 145 45.92 22.88 -15.91
C PHE B 145 44.55 23.55 -15.74
N TYR B 146 44.25 24.48 -16.65
CA TYR B 146 42.94 25.09 -16.75
C TYR B 146 42.78 25.60 -18.17
N PRO B 147 41.59 25.44 -18.79
CA PRO B 147 40.36 24.83 -18.27
C PRO B 147 40.41 23.30 -18.23
N ARG B 148 39.32 22.67 -17.81
CA ARG B 148 39.34 21.23 -17.57
C ARG B 148 39.47 20.44 -18.87
N GLU B 149 38.94 20.97 -19.97
CA GLU B 149 38.96 20.24 -21.24
C GLU B 149 40.39 19.91 -21.64
N ALA B 150 40.68 18.62 -21.77
CA ALA B 150 41.98 18.14 -22.19
C ALA B 150 41.80 16.78 -22.84
N LYS B 151 42.53 16.53 -23.92
CA LYS B 151 42.47 15.25 -24.63
C LYS B 151 43.80 14.53 -24.44
N VAL B 152 43.75 13.24 -24.10
CA VAL B 152 44.94 12.44 -23.95
C VAL B 152 44.76 11.11 -24.69
N GLN B 153 45.62 10.85 -25.65
CA GLN B 153 45.60 9.64 -26.47
C GLN B 153 46.81 8.78 -26.17
N TRP B 154 46.61 7.47 -26.24
CA TRP B 154 47.64 6.49 -25.93
C TRP B 154 48.11 5.80 -27.21
N LYS B 155 49.43 5.66 -27.37
CA LYS B 155 49.99 4.96 -28.51
C LYS B 155 51.01 3.94 -28.03
N VAL B 156 50.93 2.73 -28.57
CA VAL B 156 51.87 1.67 -28.29
C VAL B 156 52.49 1.26 -29.62
N ASP B 157 53.75 1.66 -29.83
CA ASP B 157 54.42 1.53 -31.13
C ASP B 157 53.59 2.19 -32.22
N ASN B 158 53.08 3.38 -31.93
CA ASN B 158 52.31 4.26 -32.81
C ASN B 158 50.91 3.72 -33.11
N ALA B 159 50.49 2.61 -32.51
CA ALA B 159 49.12 2.16 -32.63
C ALA B 159 48.26 2.85 -31.58
N LEU B 160 47.15 3.45 -32.03
CA LEU B 160 46.25 4.12 -31.09
C LEU B 160 45.52 3.11 -30.23
N GLN B 161 45.50 3.36 -28.93
CA GLN B 161 44.84 2.46 -27.98
C GLN B 161 43.39 2.85 -27.79
N SER B 162 42.53 1.84 -27.64
CA SER B 162 41.10 2.07 -27.52
C SER B 162 40.50 1.05 -26.56
N GLY B 163 39.66 1.52 -25.65
CA GLY B 163 38.92 0.65 -24.75
C GLY B 163 39.66 0.20 -23.51
N ASN B 164 40.96 0.49 -23.39
CA ASN B 164 41.77 -0.04 -22.30
C ASN B 164 42.41 1.07 -21.47
N SER B 165 41.81 2.26 -21.46
CA SER B 165 42.29 3.35 -20.63
C SER B 165 41.12 3.94 -19.85
N GLN B 166 41.38 4.27 -18.59
CA GLN B 166 40.43 4.99 -17.75
C GLN B 166 41.09 6.26 -17.26
N GLU B 167 40.34 7.35 -17.16
CA GLU B 167 40.92 8.58 -16.63
C GLU B 167 40.08 9.12 -15.47
N SER B 168 40.77 9.87 -14.62
CA SER B 168 40.25 10.40 -13.38
C SER B 168 40.70 11.85 -13.27
N VAL B 169 39.84 12.72 -12.75
CA VAL B 169 40.15 14.14 -12.66
C VAL B 169 39.75 14.63 -11.27
N THR B 170 40.58 15.51 -10.72
CA THR B 170 40.31 16.09 -9.42
C THR B 170 39.26 17.20 -9.53
N GLU B 171 38.73 17.61 -8.38
CA GLU B 171 37.93 18.82 -8.35
C GLU B 171 38.85 20.04 -8.42
N GLN B 172 38.25 21.20 -8.68
CA GLN B 172 39.04 22.42 -8.82
C GLN B 172 39.77 22.72 -7.51
N ASP B 173 41.07 23.01 -7.63
CA ASP B 173 41.87 23.27 -6.44
C ASP B 173 41.43 24.55 -5.77
N SER B 174 41.41 24.53 -4.43
CA SER B 174 40.91 25.67 -3.68
C SER B 174 41.80 26.90 -3.84
N LYS B 175 43.09 26.69 -4.13
CA LYS B 175 44.07 27.76 -4.04
C LYS B 175 44.47 28.35 -5.38
N ASP B 176 44.73 27.53 -6.40
CA ASP B 176 45.07 28.05 -7.72
C ASP B 176 43.98 27.81 -8.75
N SER B 177 42.90 27.11 -8.40
CA SER B 177 41.75 26.90 -9.28
C SER B 177 42.12 26.15 -10.56
N THR B 178 43.06 25.21 -10.47
CA THR B 178 43.42 24.38 -11.60
C THR B 178 42.86 22.97 -11.41
N TYR B 179 42.98 22.16 -12.46
CA TYR B 179 42.58 20.77 -12.43
C TYR B 179 43.81 19.88 -12.63
N SER B 180 43.66 18.62 -12.23
CA SER B 180 44.68 17.61 -12.44
C SER B 180 44.00 16.32 -12.87
N LEU B 181 44.63 15.61 -13.81
CA LEU B 181 44.03 14.45 -14.43
C LEU B 181 45.06 13.33 -14.53
N SER B 182 44.61 12.10 -14.37
CA SER B 182 45.42 10.91 -14.57
C SER B 182 44.73 10.00 -15.58
N SER B 183 45.51 9.48 -16.52
CA SER B 183 45.02 8.49 -17.48
C SER B 183 45.82 7.21 -17.29
N THR B 184 45.11 6.10 -17.12
CA THR B 184 45.70 4.81 -16.81
C THR B 184 45.42 3.86 -17.95
N LEU B 185 46.48 3.42 -18.62
CA LEU B 185 46.44 2.38 -19.64
C LEU B 185 46.76 1.05 -18.97
N THR B 186 45.84 0.10 -19.07
CA THR B 186 46.00 -1.22 -18.47
C THR B 186 46.11 -2.28 -19.55
N LEU B 187 47.07 -3.18 -19.39
CA LEU B 187 47.20 -4.29 -20.33
C LEU B 187 47.94 -5.43 -19.66
N SER B 188 47.68 -6.65 -20.16
CA SER B 188 48.38 -7.81 -19.63
C SER B 188 49.89 -7.65 -19.83
N LYS B 189 50.66 -8.21 -18.89
CA LYS B 189 52.11 -8.13 -19.02
C LYS B 189 52.59 -8.82 -20.30
N ALA B 190 51.86 -9.84 -20.75
CA ALA B 190 52.15 -10.43 -22.05
C ALA B 190 52.11 -9.38 -23.15
N ASP B 191 50.96 -8.71 -23.29
CA ASP B 191 50.83 -7.65 -24.28
C ASP B 191 51.83 -6.53 -24.03
N TYR B 192 52.10 -6.21 -22.76
CA TYR B 192 53.00 -5.11 -22.44
C TYR B 192 54.41 -5.39 -22.95
N GLU B 193 54.89 -6.63 -22.80
CA GLU B 193 56.26 -6.95 -23.16
C GLU B 193 56.48 -7.11 -24.66
N LYS B 194 55.41 -7.17 -25.46
CA LYS B 194 55.54 -7.31 -26.91
C LYS B 194 55.78 -5.99 -27.63
N HIS B 195 55.94 -4.88 -26.91
CA HIS B 195 56.05 -3.58 -27.56
C HIS B 195 57.09 -2.74 -26.85
N LYS B 196 57.65 -1.77 -27.59
CA LYS B 196 58.77 -0.98 -27.10
C LYS B 196 58.36 0.43 -26.67
N VAL B 197 57.75 1.20 -27.56
CA VAL B 197 57.49 2.61 -27.33
C VAL B 197 56.08 2.78 -26.79
N TYR B 198 55.97 3.34 -25.58
CA TYR B 198 54.69 3.69 -24.98
C TYR B 198 54.62 5.21 -24.87
N ALA B 199 53.64 5.81 -25.54
CA ALA B 199 53.52 7.25 -25.64
C ALA B 199 52.15 7.70 -25.17
N CYS B 200 52.14 8.83 -24.48
CA CYS B 200 50.92 9.51 -24.06
C CYS B 200 50.96 10.92 -24.62
N GLU B 201 50.00 11.27 -25.47
CA GLU B 201 49.97 12.57 -26.11
C GLU B 201 48.78 13.39 -25.62
N VAL B 202 49.03 14.67 -25.39
CA VAL B 202 48.13 15.57 -24.69
C VAL B 202 47.88 16.79 -25.57
N THR B 203 46.60 17.10 -25.79
CA THR B 203 46.18 18.36 -26.37
C THR B 203 45.38 19.14 -25.35
N HIS B 204 45.69 20.44 -25.26
CA HIS B 204 45.05 21.34 -24.31
C HIS B 204 45.16 22.75 -24.86
N GLN B 205 44.24 23.62 -24.42
CA GLN B 205 44.19 24.98 -24.94
C GLN B 205 45.50 25.72 -24.71
N GLY B 206 46.13 25.51 -23.57
CA GLY B 206 47.37 26.17 -23.23
C GLY B 206 48.61 25.69 -23.95
N LEU B 207 48.49 24.67 -24.79
CA LEU B 207 49.62 24.11 -25.52
C LEU B 207 49.50 24.48 -27.00
N SER B 208 50.57 25.06 -27.55
CA SER B 208 50.57 25.41 -28.97
C SER B 208 50.37 24.18 -29.84
N SER B 209 51.01 23.07 -29.48
CA SER B 209 50.93 21.83 -30.22
C SER B 209 50.82 20.67 -29.21
N PRO B 210 50.43 19.47 -29.64
CA PRO B 210 50.33 18.35 -28.70
C PRO B 210 51.67 18.05 -28.06
N VAL B 211 51.64 17.78 -26.75
CA VAL B 211 52.82 17.37 -25.99
C VAL B 211 52.78 15.85 -25.84
N THR B 212 53.87 15.19 -26.23
CA THR B 212 53.97 13.75 -26.08
C THR B 212 55.03 13.42 -25.05
N LYS B 213 54.70 12.52 -24.11
CA LYS B 213 55.67 11.94 -23.21
C LYS B 213 55.70 10.44 -23.45
N SER B 214 56.89 9.90 -23.70
CA SER B 214 57.01 8.50 -24.07
C SER B 214 58.15 7.85 -23.31
N PHE B 215 58.17 6.53 -23.34
CA PHE B 215 59.29 5.76 -22.82
C PHE B 215 59.42 4.48 -23.63
N ASN B 216 60.64 3.94 -23.65
CA ASN B 216 60.91 2.64 -24.26
C ASN B 216 61.00 1.59 -23.16
N ARG B 217 60.20 0.54 -23.30
CA ARG B 217 60.15 -0.52 -22.28
C ARG B 217 61.53 -1.09 -22.02
N GLY B 218 62.02 -0.93 -20.79
CA GLY B 218 63.34 -1.39 -20.44
C GLY B 218 64.35 -0.30 -20.18
N GLU B 219 64.42 0.68 -21.08
CA GLU B 219 65.42 1.72 -20.99
C GLU B 219 65.12 2.65 -19.82
N CYS B 220 66.18 3.10 -19.17
CA CYS B 220 66.12 3.81 -17.88
C CYS B 220 65.43 5.17 -17.97
N SER B 221 64.17 5.22 -17.52
CA SER B 221 63.50 6.45 -17.07
C SER B 221 62.02 6.21 -16.76
N ASP C 1 -6.46 -2.99 11.81
CA ASP C 1 -7.91 -3.02 11.84
C ASP C 1 -8.42 -3.75 13.08
N ILE C 2 -9.62 -3.37 13.53
CA ILE C 2 -10.23 -3.96 14.71
C ILE C 2 -10.86 -5.29 14.36
N VAL C 3 -10.63 -6.30 15.21
CA VAL C 3 -11.08 -7.67 14.94
C VAL C 3 -12.36 -7.94 15.71
N MET C 4 -13.30 -8.63 15.06
CA MET C 4 -14.56 -9.03 15.66
C MET C 4 -14.58 -10.55 15.80
N THR C 5 -14.79 -11.03 17.02
CA THR C 5 -14.93 -12.45 17.27
C THR C 5 -16.31 -12.72 17.88
N GLN C 6 -16.74 -13.98 17.80
CA GLN C 6 -18.02 -14.38 18.36
C GLN C 6 -17.89 -15.72 19.05
N SER C 7 -18.71 -15.93 20.07
CA SER C 7 -18.74 -17.21 20.78
C SER C 7 -20.12 -17.50 21.32
N PRO C 8 -20.56 -18.77 21.25
CA PRO C 8 -19.80 -19.86 20.63
C PRO C 8 -20.01 -19.93 19.13
N SER C 9 -19.23 -20.76 18.46
CA SER C 9 -19.43 -20.96 17.02
C SER C 9 -20.71 -21.74 16.76
N PHE C 10 -21.02 -22.72 17.61
CA PHE C 10 -22.24 -23.49 17.50
C PHE C 10 -22.91 -23.57 18.87
N LEU C 11 -24.23 -23.70 18.84
CA LEU C 11 -25.04 -23.64 20.05
C LEU C 11 -26.32 -24.41 19.78
N SER C 12 -26.76 -25.17 20.79
CA SER C 12 -28.03 -25.88 20.70
C SER C 12 -28.79 -25.69 22.00
N ALA C 13 -30.04 -25.25 21.89
CA ALA C 13 -30.88 -25.02 23.05
C ALA C 13 -32.30 -25.46 22.74
N SER C 14 -33.06 -25.74 23.80
CA SER C 14 -34.43 -26.19 23.67
C SER C 14 -35.37 -25.00 23.52
N VAL C 15 -36.54 -25.26 22.93
CA VAL C 15 -37.57 -24.24 22.84
C VAL C 15 -37.90 -23.72 24.22
N GLY C 16 -37.99 -22.39 24.35
CA GLY C 16 -38.25 -21.76 25.62
C GLY C 16 -37.02 -21.35 26.39
N ASP C 17 -35.86 -21.92 26.08
CA ASP C 17 -34.63 -21.57 26.77
C ASP C 17 -34.27 -20.10 26.55
N ARG C 18 -33.36 -19.62 27.39
CA ARG C 18 -32.81 -18.27 27.25
C ARG C 18 -31.41 -18.41 26.64
N VAL C 19 -31.27 -17.96 25.40
CA VAL C 19 -30.02 -18.09 24.64
C VAL C 19 -29.23 -16.80 24.76
N THR C 20 -27.90 -16.93 24.85
CA THR C 20 -27.00 -15.79 24.96
C THR C 20 -25.80 -16.03 24.05
N ILE C 21 -25.58 -15.11 23.11
CA ILE C 21 -24.46 -15.15 22.18
C ILE C 21 -23.59 -13.94 22.45
N THR C 22 -22.26 -14.11 22.35
CA THR C 22 -21.31 -13.06 22.68
C THR C 22 -20.53 -12.64 21.45
N CYS C 23 -20.30 -11.33 21.33
CA CYS C 23 -19.47 -10.74 20.30
C CYS C 23 -18.44 -9.85 20.97
N ARG C 24 -17.17 -10.00 20.62
CA ARG C 24 -16.10 -9.21 21.21
C ARG C 24 -15.35 -8.44 20.14
N ALA C 25 -14.98 -7.20 20.46
CA ALA C 25 -14.22 -6.33 19.57
C ALA C 25 -12.82 -6.14 20.12
N SER C 26 -11.84 -6.16 19.22
CA SER C 26 -10.43 -6.01 19.63
C SER C 26 -10.21 -4.73 20.41
N GLN C 27 -10.92 -3.66 20.08
CA GLN C 27 -10.84 -2.40 20.79
C GLN C 27 -12.25 -1.86 21.05
N GLY C 28 -12.33 -0.90 21.97
CA GLY C 28 -13.60 -0.36 22.39
C GLY C 28 -14.29 0.39 21.26
N ILE C 29 -15.47 -0.07 20.85
CA ILE C 29 -16.19 0.54 19.74
C ILE C 29 -17.52 1.10 20.22
N SER C 30 -17.57 1.53 21.49
CA SER C 30 -18.74 2.17 22.06
C SER C 30 -20.01 1.35 21.80
N SER C 31 -21.00 1.96 21.15
CA SER C 31 -22.24 1.29 20.80
C SER C 31 -22.35 0.96 19.32
N TYR C 32 -21.26 1.08 18.57
CA TYR C 32 -21.30 0.97 17.12
C TYR C 32 -21.30 -0.51 16.69
N LEU C 33 -22.41 -1.18 17.00
CA LEU C 33 -22.54 -2.61 16.72
C LEU C 33 -23.95 -2.94 16.30
N ALA C 34 -24.05 -3.87 15.34
CA ALA C 34 -25.33 -4.39 14.87
C ALA C 34 -25.35 -5.91 14.96
N TRP C 35 -26.55 -6.47 15.05
CA TRP C 35 -26.82 -7.89 15.13
C TRP C 35 -27.79 -8.29 14.03
N TYR C 36 -27.42 -9.30 13.25
CA TYR C 36 -28.18 -9.83 12.12
C TYR C 36 -28.48 -11.31 12.32
N GLN C 37 -29.65 -11.73 11.85
CA GLN C 37 -30.04 -13.13 11.80
C GLN C 37 -30.10 -13.56 10.34
N GLN C 38 -29.50 -14.71 10.02
CA GLN C 38 -29.53 -15.24 8.66
C GLN C 38 -29.97 -16.70 8.70
N LYS C 39 -31.11 -16.96 8.08
CA LYS C 39 -31.59 -18.29 7.72
C LYS C 39 -30.80 -18.79 6.52
N PRO C 40 -30.56 -20.10 6.42
CA PRO C 40 -29.73 -20.61 5.32
C PRO C 40 -30.38 -20.31 3.96
N GLY C 41 -29.58 -19.73 3.07
CA GLY C 41 -30.05 -19.40 1.74
C GLY C 41 -30.70 -18.04 1.64
N LYS C 42 -31.35 -17.60 2.71
CA LYS C 42 -32.02 -16.31 2.72
C LYS C 42 -31.05 -15.17 3.03
N ALA C 43 -31.54 -13.96 2.84
CA ALA C 43 -30.73 -12.78 3.11
C ALA C 43 -30.71 -12.48 4.61
N PRO C 44 -29.63 -11.86 5.11
CA PRO C 44 -29.60 -11.46 6.52
C PRO C 44 -30.73 -10.51 6.85
N LYS C 45 -31.16 -10.55 8.10
CA LYS C 45 -32.23 -9.72 8.62
C LYS C 45 -31.69 -8.97 9.84
N LEU C 46 -31.82 -7.64 9.82
CA LEU C 46 -31.25 -6.82 10.88
C LEU C 46 -32.10 -6.92 12.12
N LEU C 47 -31.49 -7.34 13.23
CA LEU C 47 -32.17 -7.49 14.51
C LEU C 47 -31.92 -6.31 15.44
N ILE C 48 -30.65 -5.95 15.65
CA ILE C 48 -30.28 -4.94 16.62
C ILE C 48 -29.33 -3.95 15.97
N TYR C 49 -29.52 -2.66 16.26
CA TYR C 49 -28.53 -1.65 15.92
C TYR C 49 -28.25 -0.83 17.17
N ALA C 50 -27.15 -0.08 17.12
CA ALA C 50 -26.67 0.71 18.26
C ALA C 50 -26.50 -0.17 19.51
N ALA C 51 -26.09 -1.42 19.29
CA ALA C 51 -25.76 -2.38 20.35
C ALA C 51 -26.96 -2.83 21.17
N SER C 52 -27.99 -2.01 21.28
CA SER C 52 -29.13 -2.36 22.13
C SER C 52 -30.50 -2.02 21.54
N THR C 53 -30.61 -1.20 20.51
CA THR C 53 -31.91 -0.78 20.00
C THR C 53 -32.50 -1.86 19.10
N LEU C 54 -33.69 -2.34 19.45
CA LEU C 54 -34.34 -3.37 18.66
C LEU C 54 -34.92 -2.78 17.39
N GLN C 55 -34.64 -3.44 16.26
CA GLN C 55 -35.15 -2.99 14.97
C GLN C 55 -36.67 -3.15 14.92
N SER C 56 -37.34 -2.20 14.30
CA SER C 56 -38.79 -2.22 14.21
C SER C 56 -39.27 -3.47 13.47
N GLY C 57 -40.27 -4.13 14.04
CA GLY C 57 -40.81 -5.34 13.46
C GLY C 57 -40.10 -6.61 13.87
N VAL C 58 -39.13 -6.54 14.77
CA VAL C 58 -38.38 -7.70 15.23
C VAL C 58 -38.97 -8.16 16.56
N PRO C 59 -39.25 -9.45 16.73
CA PRO C 59 -39.92 -9.91 17.95
C PRO C 59 -39.19 -9.46 19.21
N SER C 60 -39.97 -9.24 20.28
CA SER C 60 -39.44 -8.62 21.48
C SER C 60 -38.49 -9.54 22.24
N ARG C 61 -38.48 -10.84 21.94
CA ARG C 61 -37.59 -11.74 22.66
C ARG C 61 -36.13 -11.46 22.35
N PHE C 62 -35.84 -10.89 21.18
CA PHE C 62 -34.48 -10.50 20.85
C PHE C 62 -34.10 -9.22 21.58
N SER C 63 -32.96 -9.24 22.26
CA SER C 63 -32.45 -8.05 22.92
C SER C 63 -30.93 -8.01 22.75
N GLY C 64 -30.37 -6.81 22.84
CA GLY C 64 -28.94 -6.63 22.72
C GLY C 64 -28.42 -5.75 23.84
N SER C 65 -27.19 -6.02 24.26
CA SER C 65 -26.61 -5.25 25.35
C SER C 65 -25.09 -5.25 25.24
N GLY C 66 -24.47 -4.39 26.03
CA GLY C 66 -23.03 -4.21 26.03
C GLY C 66 -22.62 -2.91 25.35
N SER C 67 -21.35 -2.57 25.53
CA SER C 67 -20.72 -1.45 24.86
C SER C 67 -19.22 -1.47 25.18
N GLY C 68 -18.43 -0.95 24.25
CA GLY C 68 -16.99 -0.98 24.37
C GLY C 68 -16.39 -2.19 23.67
N THR C 69 -16.07 -3.24 24.43
CA THR C 69 -15.40 -4.40 23.89
C THR C 69 -16.25 -5.66 23.87
N GLU C 70 -17.32 -5.73 24.67
CA GLU C 70 -18.10 -6.95 24.81
C GLU C 70 -19.58 -6.65 24.60
N PHE C 71 -20.24 -7.48 23.80
CA PHE C 71 -21.66 -7.34 23.50
C PHE C 71 -22.32 -8.70 23.55
N THR C 72 -23.61 -8.70 23.87
CA THR C 72 -24.37 -9.94 23.89
C THR C 72 -25.71 -9.74 23.19
N LEU C 73 -26.09 -10.75 22.40
CA LEU C 73 -27.44 -10.90 21.89
C LEU C 73 -28.13 -11.96 22.72
N THR C 74 -29.36 -11.66 23.15
CA THR C 74 -30.09 -12.52 24.07
C THR C 74 -31.47 -12.82 23.50
N ILE C 75 -31.77 -14.10 23.32
CA ILE C 75 -33.10 -14.56 22.96
C ILE C 75 -33.76 -15.05 24.25
N SER C 76 -34.76 -14.30 24.72
CA SER C 76 -35.31 -14.57 26.05
C SER C 76 -36.01 -15.91 26.11
N SER C 77 -36.69 -16.31 25.03
CA SER C 77 -37.39 -17.58 24.97
C SER C 77 -37.23 -18.13 23.54
N LEU C 78 -36.36 -19.10 23.38
CA LEU C 78 -36.04 -19.62 22.06
C LEU C 78 -37.27 -20.25 21.41
N GLN C 79 -37.51 -19.88 20.15
CA GLN C 79 -38.62 -20.39 19.37
C GLN C 79 -38.13 -21.34 18.28
N PRO C 80 -39.01 -22.21 17.78
CA PRO C 80 -38.56 -23.14 16.72
C PRO C 80 -38.02 -22.43 15.48
N GLU C 81 -38.61 -21.30 15.13
CA GLU C 81 -38.18 -20.54 13.95
C GLU C 81 -36.83 -19.86 14.15
N ASP C 82 -36.30 -19.83 15.38
CA ASP C 82 -35.14 -19.01 15.69
C ASP C 82 -33.81 -19.66 15.35
N PHE C 83 -33.79 -20.86 14.75
CA PHE C 83 -32.52 -21.47 14.36
C PHE C 83 -31.97 -20.75 13.14
N ALA C 84 -30.69 -20.40 13.20
CA ALA C 84 -30.11 -19.54 12.17
C ALA C 84 -28.66 -19.26 12.56
N THR C 85 -27.93 -18.59 11.68
CA THR C 85 -26.62 -18.06 12.03
C THR C 85 -26.76 -16.57 12.35
N TYR C 86 -26.22 -16.17 13.49
CA TYR C 86 -26.33 -14.81 13.97
C TYR C 86 -24.97 -14.14 13.86
N TYR C 87 -24.93 -13.02 13.14
CA TYR C 87 -23.70 -12.27 12.91
C TYR C 87 -23.74 -10.94 13.64
N CYS C 88 -22.59 -10.49 14.12
CA CYS C 88 -22.43 -9.13 14.62
C CYS C 88 -21.55 -8.36 13.66
N GLN C 89 -21.77 -7.04 13.60
CA GLN C 89 -20.94 -6.21 12.72
C GLN C 89 -20.61 -4.89 13.39
N GLN C 90 -19.36 -4.47 13.21
CA GLN C 90 -18.89 -3.19 13.71
C GLN C 90 -19.31 -2.08 12.75
N LEU C 91 -19.87 -1.01 13.31
CA LEU C 91 -20.36 0.10 12.52
C LEU C 91 -19.40 1.28 12.58
N ASN C 92 -19.53 2.16 11.59
CA ASN C 92 -18.84 3.45 11.58
C ASN C 92 -17.32 3.29 11.62
N SER C 93 -16.80 2.42 10.77
CA SER C 93 -15.35 2.35 10.60
C SER C 93 -14.91 3.44 9.63
N TYR C 94 -13.76 4.04 9.90
CA TYR C 94 -13.12 4.86 8.89
C TYR C 94 -11.63 4.56 8.91
N PRO C 95 -11.03 4.20 7.75
CA PRO C 95 -11.72 4.01 6.47
C PRO C 95 -12.72 2.85 6.53
N PRO C 96 -13.83 2.96 5.81
CA PRO C 96 -14.93 2.00 5.98
C PRO C 96 -14.49 0.57 5.72
N LYS C 97 -14.69 -0.28 6.74
CA LYS C 97 -14.39 -1.72 6.68
C LYS C 97 -15.51 -2.41 7.46
N PHE C 98 -16.64 -2.65 6.80
CA PHE C 98 -17.83 -3.22 7.45
C PHE C 98 -17.46 -4.62 7.97
N THR C 99 -16.76 -4.66 9.08
CA THR C 99 -16.27 -5.92 9.62
C THR C 99 -17.42 -6.70 10.25
N PHE C 100 -17.65 -7.92 9.77
CA PHE C 100 -18.60 -8.83 10.37
C PHE C 100 -17.89 -9.81 11.29
N GLY C 101 -18.65 -10.41 12.20
CA GLY C 101 -18.14 -11.45 13.05
C GLY C 101 -18.15 -12.79 12.35
N PRO C 102 -17.50 -13.77 12.98
CA PRO C 102 -17.48 -15.12 12.38
C PRO C 102 -18.84 -15.77 12.34
N GLY C 103 -19.76 -15.41 13.22
CA GLY C 103 -21.09 -15.97 13.24
C GLY C 103 -21.28 -16.98 14.37
N THR C 104 -22.54 -17.18 14.74
CA THR C 104 -22.92 -18.18 15.74
C THR C 104 -24.12 -18.94 15.20
N LYS C 105 -23.94 -20.24 14.93
CA LYS C 105 -25.02 -21.07 14.43
C LYS C 105 -25.82 -21.62 15.60
N VAL C 106 -27.10 -21.29 15.64
CA VAL C 106 -28.02 -21.67 16.70
C VAL C 106 -28.97 -22.73 16.16
N GLU C 107 -28.95 -23.90 16.80
CA GLU C 107 -29.76 -25.06 16.46
C GLU C 107 -30.76 -25.33 17.56
N ILE C 108 -31.95 -25.81 17.18
CA ILE C 108 -33.00 -26.10 18.15
C ILE C 108 -32.78 -27.50 18.71
N LYS C 109 -32.71 -27.60 20.03
CA LYS C 109 -32.63 -28.89 20.71
C LYS C 109 -34.03 -29.40 21.00
N ARG C 110 -34.22 -30.72 20.88
CA ARG C 110 -35.50 -31.34 21.12
C ARG C 110 -35.26 -32.77 21.59
N THR C 111 -36.35 -33.47 21.89
CA THR C 111 -36.24 -34.85 22.35
C THR C 111 -35.79 -35.76 21.21
N VAL C 112 -35.13 -36.86 21.59
CA VAL C 112 -34.57 -37.78 20.61
C VAL C 112 -35.67 -38.37 19.75
N ALA C 113 -35.40 -38.48 18.44
CA ALA C 113 -36.31 -39.12 17.50
C ALA C 113 -35.51 -40.04 16.61
N ALA C 114 -35.95 -41.30 16.52
CA ALA C 114 -35.24 -42.28 15.73
C ALA C 114 -35.53 -42.10 14.24
N PRO C 115 -34.54 -42.36 13.38
CA PRO C 115 -34.77 -42.21 11.94
C PRO C 115 -35.56 -43.37 11.37
N SER C 116 -36.40 -43.05 10.38
CA SER C 116 -36.98 -44.10 9.55
C SER C 116 -36.05 -44.33 8.37
N VAL C 117 -35.65 -45.58 8.16
CA VAL C 117 -34.59 -45.89 7.20
C VAL C 117 -35.21 -46.51 5.95
N PHE C 118 -34.71 -46.06 4.79
CA PHE C 118 -35.14 -46.58 3.50
C PHE C 118 -33.92 -46.76 2.62
N ILE C 119 -33.94 -47.78 1.77
CA ILE C 119 -32.85 -48.01 0.83
C ILE C 119 -33.44 -48.09 -0.57
N PHE C 120 -32.66 -47.61 -1.55
CA PHE C 120 -33.11 -47.52 -2.93
C PHE C 120 -32.00 -48.07 -3.82
N PRO C 121 -32.27 -49.10 -4.61
CA PRO C 121 -31.29 -49.60 -5.57
C PRO C 121 -31.23 -48.68 -6.78
N PRO C 122 -30.16 -48.75 -7.56
CA PRO C 122 -30.11 -47.96 -8.80
C PRO C 122 -31.19 -48.40 -9.76
N SER C 123 -31.61 -47.47 -10.62
CA SER C 123 -32.55 -47.79 -11.67
C SER C 123 -31.85 -48.44 -12.85
N ASP C 124 -32.64 -49.03 -13.75
CA ASP C 124 -32.06 -49.56 -14.97
C ASP C 124 -31.63 -48.45 -15.92
N GLU C 125 -32.33 -47.31 -15.87
CA GLU C 125 -31.94 -46.15 -16.67
C GLU C 125 -30.51 -45.73 -16.36
N GLN C 126 -30.18 -45.64 -15.06
CA GLN C 126 -28.82 -45.23 -14.70
C GLN C 126 -27.79 -46.30 -15.07
N LEU C 127 -28.14 -47.57 -14.88
CA LEU C 127 -27.21 -48.64 -15.22
C LEU C 127 -26.89 -48.65 -16.70
N LYS C 128 -27.86 -48.30 -17.54
CA LYS C 128 -27.59 -48.12 -18.97
C LYS C 128 -26.40 -47.18 -19.19
N SER C 129 -26.29 -46.14 -18.36
CA SER C 129 -25.26 -45.11 -18.54
C SER C 129 -23.90 -45.51 -17.98
N GLY C 130 -23.81 -46.64 -17.29
CA GLY C 130 -22.53 -47.14 -16.83
C GLY C 130 -22.19 -46.87 -15.38
N THR C 131 -23.05 -46.15 -14.65
CA THR C 131 -22.83 -45.87 -13.24
C THR C 131 -24.03 -46.35 -12.43
N ALA C 132 -23.78 -46.61 -11.15
CA ALA C 132 -24.81 -47.02 -10.21
C ALA C 132 -24.69 -46.17 -8.95
N SER C 133 -25.86 -45.72 -8.47
CA SER C 133 -25.96 -44.98 -7.22
C SER C 133 -26.99 -45.70 -6.34
N VAL C 134 -26.53 -46.22 -5.21
CA VAL C 134 -27.40 -46.76 -4.17
C VAL C 134 -27.67 -45.65 -3.16
N VAL C 135 -28.94 -45.44 -2.82
CA VAL C 135 -29.30 -44.34 -1.93
C VAL C 135 -29.85 -44.91 -0.63
N CYS C 136 -29.53 -44.26 0.49
CA CYS C 136 -30.05 -44.64 1.80
C CYS C 136 -30.56 -43.39 2.48
N LEU C 137 -31.84 -43.39 2.85
CA LEU C 137 -32.51 -42.24 3.44
C LEU C 137 -32.80 -42.48 4.91
N LEU C 138 -32.40 -41.53 5.75
CA LEU C 138 -32.74 -41.48 7.17
C LEU C 138 -33.71 -40.31 7.34
N ASN C 139 -34.97 -40.62 7.63
CA ASN C 139 -36.02 -39.62 7.62
C ASN C 139 -36.42 -39.23 9.04
N ASN C 140 -36.43 -37.93 9.29
CA ASN C 140 -37.04 -37.28 10.45
C ASN C 140 -36.51 -37.86 11.77
N PHE C 141 -35.25 -37.50 12.05
CA PHE C 141 -34.57 -37.94 13.25
C PHE C 141 -33.92 -36.75 13.95
N TYR C 142 -33.59 -36.96 15.23
CA TYR C 142 -32.84 -35.99 16.01
C TYR C 142 -32.13 -36.73 17.11
N PRO C 143 -30.88 -36.39 17.44
CA PRO C 143 -30.05 -35.32 16.86
C PRO C 143 -29.45 -35.64 15.48
N ARG C 144 -28.67 -34.70 14.95
CA ARG C 144 -28.12 -34.85 13.60
C ARG C 144 -27.05 -35.92 13.52
N GLU C 145 -26.43 -36.29 14.64
CA GLU C 145 -25.36 -37.28 14.61
C GLU C 145 -25.93 -38.66 14.30
N ALA C 146 -25.36 -39.31 13.27
CA ALA C 146 -25.83 -40.62 12.85
C ALA C 146 -24.76 -41.32 12.03
N LYS C 147 -24.50 -42.59 12.33
CA LYS C 147 -23.52 -43.38 11.62
C LYS C 147 -24.21 -44.19 10.54
N VAL C 148 -23.77 -44.04 9.29
CA VAL C 148 -24.36 -44.73 8.15
C VAL C 148 -23.26 -45.52 7.48
N GLN C 149 -23.30 -46.84 7.63
CA GLN C 149 -22.27 -47.74 7.11
C GLN C 149 -22.84 -48.57 5.98
N TRP C 150 -22.12 -48.60 4.85
CA TRP C 150 -22.52 -49.40 3.71
C TRP C 150 -21.87 -50.77 3.81
N LYS C 151 -22.65 -51.82 3.61
CA LYS C 151 -22.15 -53.19 3.61
C LYS C 151 -22.50 -53.84 2.28
N VAL C 152 -21.48 -54.19 1.51
CA VAL C 152 -21.66 -54.85 0.22
C VAL C 152 -21.14 -56.27 0.37
N ASP C 153 -22.05 -57.24 0.26
CA ASP C 153 -21.74 -58.65 0.52
C ASP C 153 -21.03 -58.79 1.88
N ASN C 154 -21.54 -58.06 2.87
CA ASN C 154 -21.08 -58.08 4.25
C ASN C 154 -19.70 -57.44 4.43
N ALA C 155 -19.15 -56.79 3.40
CA ALA C 155 -17.91 -56.07 3.52
C ALA C 155 -18.20 -54.58 3.71
N LEU C 156 -17.62 -53.99 4.74
CA LEU C 156 -17.82 -52.56 5.00
C LEU C 156 -17.14 -51.72 3.93
N GLN C 157 -17.92 -50.90 3.24
CA GLN C 157 -17.41 -50.05 2.17
C GLN C 157 -17.01 -48.68 2.71
N SER C 158 -15.89 -48.18 2.22
CA SER C 158 -15.31 -46.93 2.71
C SER C 158 -14.76 -46.14 1.52
N GLY C 159 -15.12 -44.86 1.44
CA GLY C 159 -14.54 -43.98 0.45
C GLY C 159 -15.30 -43.85 -0.86
N ASN C 160 -16.55 -44.29 -0.92
CA ASN C 160 -17.34 -44.13 -2.13
C ASN C 160 -18.78 -43.73 -1.80
N SER C 161 -18.98 -43.06 -0.68
CA SER C 161 -20.28 -42.59 -0.28
C SER C 161 -20.19 -41.13 0.16
N GLN C 162 -21.21 -40.37 -0.17
CA GLN C 162 -21.33 -38.97 0.27
C GLN C 162 -22.64 -38.78 1.01
N GLU C 163 -22.59 -38.02 2.09
CA GLU C 163 -23.79 -37.72 2.87
C GLU C 163 -24.27 -36.30 2.59
N SER C 164 -25.55 -36.08 2.88
CA SER C 164 -26.19 -34.78 2.69
C SER C 164 -27.33 -34.67 3.70
N VAL C 165 -27.40 -33.53 4.37
CA VAL C 165 -28.38 -33.33 5.44
C VAL C 165 -29.25 -32.14 5.07
N THR C 166 -30.55 -32.29 5.26
CA THR C 166 -31.45 -31.15 5.14
C THR C 166 -31.21 -30.20 6.30
N GLU C 167 -31.75 -29.00 6.18
CA GLU C 167 -31.74 -28.15 7.35
C GLU C 167 -32.85 -28.58 8.29
N GLN C 168 -32.71 -28.17 9.55
CA GLN C 168 -33.68 -28.53 10.58
C GLN C 168 -35.08 -28.13 10.17
N ASP C 169 -36.03 -29.04 10.38
CA ASP C 169 -37.41 -28.75 10.03
C ASP C 169 -37.96 -27.62 10.89
N SER C 170 -38.72 -26.72 10.27
CA SER C 170 -39.22 -25.55 10.97
C SER C 170 -40.22 -25.89 12.07
N LYS C 171 -40.91 -27.03 11.97
CA LYS C 171 -41.94 -27.43 12.91
C LYS C 171 -41.37 -28.34 14.00
N ASP C 172 -41.11 -29.60 13.66
CA ASP C 172 -40.68 -30.59 14.64
C ASP C 172 -39.18 -30.66 14.83
N SER C 173 -38.42 -29.78 14.16
CA SER C 173 -36.98 -29.60 14.39
C SER C 173 -36.16 -30.85 14.11
N THR C 174 -36.65 -31.73 13.25
CA THR C 174 -35.92 -32.95 12.94
C THR C 174 -35.03 -32.76 11.71
N TYR C 175 -34.15 -33.73 11.50
CA TYR C 175 -33.30 -33.79 10.32
C TYR C 175 -33.69 -34.97 9.46
N SER C 176 -33.38 -34.86 8.17
CA SER C 176 -33.35 -35.99 7.26
C SER C 176 -32.02 -35.98 6.54
N LEU C 177 -31.57 -37.17 6.15
CA LEU C 177 -30.22 -37.38 5.66
C LEU C 177 -30.25 -38.38 4.53
N SER C 178 -29.40 -38.16 3.54
CA SER C 178 -29.19 -39.13 2.47
C SER C 178 -27.71 -39.50 2.45
N SER C 179 -27.45 -40.79 2.26
CA SER C 179 -26.11 -41.28 1.96
C SER C 179 -26.16 -41.99 0.62
N THR C 180 -25.28 -41.57 -0.29
CA THR C 180 -25.26 -42.12 -1.64
C THR C 180 -23.94 -42.84 -1.86
N LEU C 181 -24.03 -44.13 -2.19
CA LEU C 181 -22.90 -44.94 -2.60
C LEU C 181 -22.84 -44.98 -4.12
N THR C 182 -21.69 -44.61 -4.67
CA THR C 182 -21.52 -44.50 -6.11
C THR C 182 -20.45 -45.46 -6.58
N LEU C 183 -20.77 -46.27 -7.60
CA LEU C 183 -19.79 -47.19 -8.16
C LEU C 183 -20.10 -47.43 -9.63
N SER C 184 -19.19 -48.14 -10.29
CA SER C 184 -19.39 -48.44 -11.70
C SER C 184 -20.40 -49.57 -11.86
N LYS C 185 -20.97 -49.65 -13.06
CA LYS C 185 -21.94 -50.71 -13.34
C LYS C 185 -21.30 -52.10 -13.18
N ALA C 186 -20.04 -52.24 -13.60
CA ALA C 186 -19.33 -53.49 -13.41
C ALA C 186 -19.17 -53.83 -11.93
N ASP C 187 -18.63 -52.88 -11.17
CA ASP C 187 -18.47 -53.08 -9.73
C ASP C 187 -19.81 -53.39 -9.07
N TYR C 188 -20.88 -52.73 -9.52
CA TYR C 188 -22.19 -53.00 -8.95
C TYR C 188 -22.66 -54.41 -9.27
N GLU C 189 -22.35 -54.90 -10.49
CA GLU C 189 -22.75 -56.23 -10.88
C GLU C 189 -21.87 -57.32 -10.27
N LYS C 190 -20.73 -56.96 -9.70
CA LYS C 190 -19.88 -57.96 -9.05
C LYS C 190 -20.43 -58.45 -7.71
N HIS C 191 -21.50 -57.84 -7.19
CA HIS C 191 -21.98 -58.16 -5.85
C HIS C 191 -23.50 -58.32 -5.87
N LYS C 192 -24.04 -58.83 -4.76
CA LYS C 192 -25.47 -59.13 -4.68
C LYS C 192 -26.18 -58.41 -3.53
N VAL C 193 -25.70 -58.55 -2.30
CA VAL C 193 -26.39 -58.00 -1.14
C VAL C 193 -25.86 -56.61 -0.86
N TYR C 194 -26.72 -55.60 -0.95
CA TYR C 194 -26.38 -54.22 -0.63
C TYR C 194 -27.18 -53.80 0.59
N ALA C 195 -26.49 -53.37 1.64
CA ALA C 195 -27.13 -53.07 2.90
C ALA C 195 -26.66 -51.73 3.45
N CYS C 196 -27.56 -51.08 4.17
CA CYS C 196 -27.34 -49.82 4.84
C CYS C 196 -27.57 -50.05 6.33
N GLU C 197 -26.54 -49.82 7.14
CA GLU C 197 -26.61 -50.01 8.57
C GLU C 197 -26.54 -48.64 9.26
N VAL C 198 -27.53 -48.35 10.09
CA VAL C 198 -27.73 -47.04 10.67
C VAL C 198 -27.62 -47.17 12.19
N THR C 199 -26.72 -46.38 12.77
CA THR C 199 -26.56 -46.26 14.20
C THR C 199 -26.98 -44.86 14.61
N HIS C 200 -28.01 -44.78 15.46
CA HIS C 200 -28.50 -43.50 15.95
C HIS C 200 -28.85 -43.63 17.42
N GLN C 201 -28.64 -42.54 18.16
CA GLN C 201 -28.88 -42.55 19.60
C GLN C 201 -30.28 -43.03 19.95
N GLY C 202 -31.26 -42.76 19.08
CA GLY C 202 -32.63 -43.18 19.29
C GLY C 202 -32.97 -44.59 18.89
N LEU C 203 -32.00 -45.37 18.43
CA LEU C 203 -32.21 -46.77 18.08
C LEU C 203 -31.50 -47.64 19.09
N SER C 204 -32.24 -48.59 19.68
CA SER C 204 -31.66 -49.49 20.67
C SER C 204 -30.56 -50.34 20.07
N SER C 205 -30.67 -50.69 18.80
CA SER C 205 -29.69 -51.48 18.08
C SER C 205 -29.57 -50.91 16.67
N PRO C 206 -28.45 -51.17 15.99
CA PRO C 206 -28.31 -50.70 14.61
C PRO C 206 -29.41 -51.26 13.72
N VAL C 207 -29.99 -50.40 12.90
CA VAL C 207 -31.05 -50.78 11.98
C VAL C 207 -30.45 -50.98 10.59
N THR C 208 -30.71 -52.13 9.99
CA THR C 208 -30.20 -52.45 8.67
C THR C 208 -31.35 -52.58 7.69
N LYS C 209 -31.22 -51.92 6.54
CA LYS C 209 -32.12 -52.10 5.41
C LYS C 209 -31.30 -52.54 4.21
N SER C 210 -31.70 -53.62 3.56
CA SER C 210 -30.90 -54.23 2.52
C SER C 210 -31.76 -54.56 1.30
N PHE C 211 -31.08 -54.93 0.22
CA PHE C 211 -31.73 -55.49 -0.95
C PHE C 211 -30.74 -56.39 -1.68
N ASN C 212 -31.29 -57.27 -2.51
CA ASN C 212 -30.52 -58.16 -3.37
C ASN C 212 -30.61 -57.64 -4.79
N ARG C 213 -29.47 -57.58 -5.47
CA ARG C 213 -29.42 -57.06 -6.84
C ARG C 213 -30.32 -57.89 -7.74
N GLY C 214 -31.26 -57.21 -8.41
CA GLY C 214 -32.18 -57.88 -9.31
C GLY C 214 -33.15 -58.80 -8.60
N GLU C 215 -34.03 -58.23 -7.79
CA GLU C 215 -35.07 -59.00 -7.10
C GLU C 215 -36.32 -58.15 -6.86
N GLU D 1 -43.77 -1.09 1.21
CA GLU D 1 -43.15 -2.28 0.64
C GLU D 1 -41.93 -1.92 -0.19
N VAL D 2 -40.76 -1.94 0.46
CA VAL D 2 -39.50 -1.67 -0.21
C VAL D 2 -38.86 -3.00 -0.59
N GLN D 3 -38.40 -3.11 -1.83
CA GLN D 3 -37.65 -4.27 -2.28
C GLN D 3 -36.40 -3.84 -3.03
N LEU D 4 -35.36 -4.66 -2.89
CA LEU D 4 -34.16 -4.60 -3.70
C LEU D 4 -34.02 -5.94 -4.40
N VAL D 5 -33.94 -5.92 -5.72
CA VAL D 5 -33.81 -7.16 -6.49
C VAL D 5 -32.56 -7.05 -7.35
N GLU D 6 -31.59 -7.92 -7.10
CA GLU D 6 -30.36 -7.95 -7.87
C GLU D 6 -30.42 -9.04 -8.94
N SER D 7 -29.50 -8.94 -9.88
CA SER D 7 -29.48 -9.77 -11.07
C SER D 7 -28.11 -9.62 -11.73
N GLY D 8 -27.86 -10.47 -12.73
CA GLY D 8 -26.62 -10.45 -13.47
C GLY D 8 -25.60 -11.47 -13.03
N GLY D 9 -25.92 -12.33 -12.07
CA GLY D 9 -25.00 -13.34 -11.61
C GLY D 9 -25.12 -14.63 -12.41
N GLY D 10 -24.00 -15.32 -12.55
CA GLY D 10 -23.99 -16.57 -13.25
C GLY D 10 -22.59 -17.13 -13.35
N LEU D 11 -22.42 -18.13 -14.21
CA LEU D 11 -21.11 -18.73 -14.42
C LEU D 11 -20.26 -17.80 -15.26
N ILE D 12 -18.97 -17.73 -14.92
CA ILE D 12 -18.03 -16.87 -15.63
C ILE D 12 -16.64 -17.44 -15.43
N GLN D 13 -15.83 -17.43 -16.47
CA GLN D 13 -14.51 -18.02 -16.38
C GLN D 13 -13.57 -17.13 -15.57
N PRO D 14 -12.55 -17.72 -14.95
CA PRO D 14 -11.54 -16.90 -14.27
C PRO D 14 -10.96 -15.85 -15.21
N GLY D 15 -10.63 -14.69 -14.64
CA GLY D 15 -10.17 -13.56 -15.42
C GLY D 15 -11.24 -12.78 -16.14
N GLY D 16 -12.46 -13.32 -16.24
CA GLY D 16 -13.55 -12.64 -16.92
C GLY D 16 -14.12 -11.49 -16.10
N SER D 17 -15.11 -10.83 -16.70
CA SER D 17 -15.77 -9.69 -16.08
C SER D 17 -17.28 -9.93 -16.05
N LEU D 18 -17.95 -9.14 -15.22
CA LEU D 18 -19.35 -9.38 -14.94
C LEU D 18 -19.95 -8.16 -14.27
N ARG D 19 -21.16 -7.78 -14.68
CA ARG D 19 -21.82 -6.60 -14.14
C ARG D 19 -23.08 -7.03 -13.41
N LEU D 20 -23.17 -6.70 -12.12
CA LEU D 20 -24.34 -6.97 -11.31
C LEU D 20 -25.21 -5.74 -11.21
N SER D 21 -26.52 -5.95 -11.36
CA SER D 21 -27.50 -4.88 -11.21
C SER D 21 -28.35 -5.14 -9.97
N CYS D 22 -28.84 -4.06 -9.38
CA CYS D 22 -29.74 -4.13 -8.23
C CYS D 22 -30.78 -3.03 -8.42
N ALA D 23 -31.98 -3.41 -8.83
CA ALA D 23 -33.07 -2.45 -8.94
C ALA D 23 -33.72 -2.25 -7.59
N ALA D 24 -34.15 -1.02 -7.32
CA ALA D 24 -34.74 -0.66 -6.05
C ALA D 24 -36.16 -0.15 -6.23
N SER D 25 -36.98 -0.34 -5.20
CA SER D 25 -38.32 0.22 -5.17
C SER D 25 -38.71 0.44 -3.71
N GLY D 26 -39.11 1.66 -3.37
CA GLY D 26 -39.41 2.01 -2.00
C GLY D 26 -38.33 2.81 -1.31
N LEU D 27 -37.18 2.99 -1.95
CA LEU D 27 -36.17 3.94 -1.52
C LEU D 27 -35.48 4.48 -2.77
N THR D 28 -34.79 5.61 -2.62
CA THR D 28 -34.08 6.25 -3.72
C THR D 28 -32.60 5.92 -3.59
N VAL D 29 -32.08 5.15 -4.55
CA VAL D 29 -30.70 4.68 -4.49
C VAL D 29 -29.73 5.86 -4.36
N SER D 30 -29.93 6.89 -5.17
CA SER D 30 -29.02 8.02 -5.19
C SER D 30 -29.02 8.83 -3.90
N SER D 31 -29.97 8.60 -3.00
CA SER D 31 -30.08 9.32 -1.74
C SER D 31 -29.63 8.49 -0.55
N ASN D 32 -29.02 7.33 -0.77
CA ASN D 32 -28.73 6.40 0.31
C ASN D 32 -27.31 5.89 0.20
N TYR D 33 -26.72 5.60 1.36
CA TYR D 33 -25.58 4.71 1.41
C TYR D 33 -26.00 3.36 0.88
N MET D 34 -25.44 2.95 -0.26
CA MET D 34 -25.76 1.64 -0.82
C MET D 34 -24.51 0.79 -0.87
N SER D 35 -24.63 -0.47 -0.48
CA SER D 35 -23.48 -1.35 -0.35
C SER D 35 -23.74 -2.69 -1.00
N TRP D 36 -22.65 -3.33 -1.41
CA TRP D 36 -22.63 -4.73 -1.82
C TRP D 36 -21.91 -5.54 -0.76
N VAL D 37 -22.52 -6.64 -0.36
CA VAL D 37 -22.00 -7.58 0.64
C VAL D 37 -22.08 -8.98 0.05
N ARG D 38 -20.99 -9.73 0.09
CA ARG D 38 -21.00 -11.07 -0.50
C ARG D 38 -20.81 -12.14 0.55
N GLN D 39 -21.14 -13.37 0.18
CA GLN D 39 -21.06 -14.54 1.05
C GLN D 39 -20.59 -15.72 0.22
N ALA D 40 -19.34 -16.14 0.42
CA ALA D 40 -18.84 -17.31 -0.26
C ALA D 40 -19.53 -18.56 0.29
N PRO D 41 -19.65 -19.61 -0.54
CA PRO D 41 -20.36 -20.82 -0.09
C PRO D 41 -19.78 -21.37 1.20
N GLY D 42 -20.63 -21.53 2.21
CA GLY D 42 -20.23 -22.06 3.49
C GLY D 42 -19.44 -21.11 4.36
N LYS D 43 -19.38 -19.83 4.02
CA LYS D 43 -18.62 -18.85 4.77
C LYS D 43 -19.54 -17.74 5.28
N GLY D 44 -18.93 -16.76 5.95
CA GLY D 44 -19.67 -15.66 6.53
C GLY D 44 -19.87 -14.52 5.56
N LEU D 45 -20.26 -13.37 6.11
CA LEU D 45 -20.55 -12.19 5.32
C LEU D 45 -19.30 -11.34 5.15
N GLU D 46 -19.10 -10.84 3.93
CA GLU D 46 -17.95 -10.00 3.60
C GLU D 46 -18.44 -8.78 2.84
N TRP D 47 -18.27 -7.61 3.45
CA TRP D 47 -18.64 -6.36 2.79
C TRP D 47 -17.71 -6.14 1.60
N VAL D 48 -18.29 -5.72 0.48
CA VAL D 48 -17.53 -5.53 -0.74
C VAL D 48 -17.38 -4.04 -1.04
N SER D 49 -18.51 -3.33 -1.09
CA SER D 49 -18.46 -1.99 -1.65
C SER D 49 -19.54 -1.10 -1.04
N VAL D 50 -19.31 0.21 -1.10
CA VAL D 50 -20.32 1.18 -0.69
C VAL D 50 -20.18 2.44 -1.54
N ILE D 51 -21.33 3.07 -1.82
CA ILE D 51 -21.39 4.36 -2.50
C ILE D 51 -22.30 5.28 -1.70
N TYR D 52 -21.83 6.51 -1.47
CA TYR D 52 -22.54 7.54 -0.72
C TYR D 52 -23.48 8.31 -1.65
N SER D 53 -24.46 8.98 -1.05
CA SER D 53 -25.37 9.80 -1.84
C SER D 53 -24.62 10.88 -2.60
N GLY D 54 -23.64 11.50 -1.95
CA GLY D 54 -22.81 12.51 -2.59
C GLY D 54 -21.81 11.97 -3.60
N GLY D 55 -21.76 10.66 -3.80
CA GLY D 55 -20.95 10.08 -4.85
C GLY D 55 -19.70 9.36 -4.38
N SER D 56 -19.26 9.56 -3.14
CA SER D 56 -18.06 8.89 -2.66
C SER D 56 -18.23 7.37 -2.71
N THR D 57 -17.16 6.68 -3.06
CA THR D 57 -17.15 5.23 -3.13
C THR D 57 -16.02 4.67 -2.26
N PHE D 58 -16.25 3.47 -1.73
CA PHE D 58 -15.26 2.79 -0.92
C PHE D 58 -15.37 1.29 -1.15
N TYR D 59 -14.23 0.61 -1.03
CA TYR D 59 -14.13 -0.80 -1.37
C TYR D 59 -13.36 -1.54 -0.29
N ALA D 60 -13.63 -2.84 -0.17
CA ALA D 60 -12.81 -3.70 0.66
C ALA D 60 -11.45 -3.92 0.01
N ASP D 61 -10.45 -4.21 0.83
CA ASP D 61 -9.09 -4.37 0.32
C ASP D 61 -8.98 -5.53 -0.66
N SER D 62 -9.83 -6.55 -0.51
CA SER D 62 -9.71 -7.74 -1.34
C SER D 62 -10.17 -7.50 -2.78
N VAL D 63 -11.08 -6.54 -3.00
CA VAL D 63 -11.59 -6.25 -4.33
C VAL D 63 -11.11 -4.91 -4.86
N LYS D 64 -10.20 -4.25 -4.15
CA LYS D 64 -9.72 -2.94 -4.58
C LYS D 64 -9.01 -3.03 -5.92
N GLY D 65 -9.38 -2.13 -6.84
CA GLY D 65 -8.82 -2.10 -8.16
C GLY D 65 -9.52 -2.96 -9.18
N ARG D 66 -10.26 -3.98 -8.74
CA ARG D 66 -10.96 -4.89 -9.63
C ARG D 66 -12.46 -4.66 -9.70
N PHE D 67 -13.06 -4.13 -8.64
CA PHE D 67 -14.50 -3.90 -8.59
C PHE D 67 -14.77 -2.40 -8.62
N THR D 68 -15.92 -2.04 -9.20
CA THR D 68 -16.34 -0.64 -9.27
C THR D 68 -17.84 -0.58 -9.00
N ILE D 69 -18.22 0.10 -7.95
CA ILE D 69 -19.62 0.34 -7.64
C ILE D 69 -20.06 1.59 -8.37
N SER D 70 -21.34 1.64 -8.75
CA SER D 70 -21.89 2.80 -9.45
C SER D 70 -23.40 2.76 -9.32
N ARG D 71 -24.05 3.78 -9.89
CA ARG D 71 -25.51 3.82 -9.84
C ARG D 71 -26.05 4.60 -11.03
N ASP D 72 -27.34 4.42 -11.27
CA ASP D 72 -28.09 5.19 -12.25
C ASP D 72 -29.38 5.64 -11.57
N ASN D 73 -29.51 6.96 -11.36
CA ASN D 73 -30.69 7.50 -10.69
C ASN D 73 -31.92 7.38 -11.57
N SER D 74 -31.77 7.59 -12.88
CA SER D 74 -32.90 7.47 -13.80
C SER D 74 -33.56 6.10 -13.68
N LYS D 75 -32.75 5.05 -13.59
CA LYS D 75 -33.27 3.70 -13.43
C LYS D 75 -33.36 3.25 -11.98
N ASN D 76 -32.99 4.12 -11.03
CA ASN D 76 -33.00 3.79 -9.60
C ASN D 76 -32.31 2.47 -9.33
N THR D 77 -31.08 2.36 -9.82
CA THR D 77 -30.41 1.06 -9.86
C THR D 77 -28.96 1.19 -9.43
N LEU D 78 -28.49 0.21 -8.67
CA LEU D 78 -27.10 0.12 -8.24
C LEU D 78 -26.37 -0.94 -9.07
N TYR D 79 -25.08 -0.72 -9.31
CA TYR D 79 -24.29 -1.58 -10.17
C TYR D 79 -22.98 -1.94 -9.50
N LEU D 80 -22.54 -3.17 -9.74
CA LEU D 80 -21.23 -3.67 -9.31
C LEU D 80 -20.53 -4.28 -10.51
N GLN D 81 -19.56 -3.56 -11.07
CA GLN D 81 -18.75 -4.06 -12.17
C GLN D 81 -17.55 -4.82 -11.58
N MET D 82 -17.43 -6.10 -11.90
CA MET D 82 -16.39 -6.96 -11.37
C MET D 82 -15.47 -7.38 -12.51
N ASN D 83 -14.19 -7.03 -12.40
CA ASN D 83 -13.19 -7.35 -13.41
C ASN D 83 -12.11 -8.23 -12.82
N SER D 84 -11.39 -8.93 -13.69
CA SER D 84 -10.30 -9.83 -13.31
C SER D 84 -10.75 -10.78 -12.20
N LEU D 85 -11.84 -11.49 -12.49
CA LEU D 85 -12.46 -12.33 -11.47
C LEU D 85 -11.60 -13.56 -11.18
N ARG D 86 -11.55 -13.93 -9.90
CA ARG D 86 -10.87 -15.12 -9.44
C ARG D 86 -11.87 -16.02 -8.72
N ALA D 87 -11.50 -17.29 -8.57
CA ALA D 87 -12.40 -18.26 -7.93
C ALA D 87 -12.75 -17.86 -6.50
N GLU D 88 -11.89 -17.07 -5.85
CA GLU D 88 -12.20 -16.57 -4.51
C GLU D 88 -13.39 -15.61 -4.51
N ASP D 89 -13.74 -15.06 -5.66
CA ASP D 89 -14.87 -14.15 -5.78
C ASP D 89 -16.22 -14.88 -5.93
N THR D 90 -16.21 -16.20 -5.99
CA THR D 90 -17.45 -16.97 -6.08
C THR D 90 -18.25 -16.79 -4.81
N ALA D 91 -19.49 -16.33 -4.94
CA ALA D 91 -20.28 -16.00 -3.75
C ALA D 91 -21.70 -15.67 -4.17
N VAL D 92 -22.57 -15.57 -3.17
CA VAL D 92 -23.84 -14.87 -3.32
C VAL D 92 -23.58 -13.39 -3.04
N TYR D 93 -24.05 -12.53 -3.91
CA TYR D 93 -23.84 -11.09 -3.79
C TYR D 93 -25.16 -10.43 -3.44
N TYR D 94 -25.20 -9.79 -2.27
CA TYR D 94 -26.34 -9.09 -1.74
C TYR D 94 -26.17 -7.60 -1.93
N CYS D 95 -27.26 -6.95 -2.25
CA CYS D 95 -27.38 -5.50 -2.33
C CYS D 95 -28.11 -5.03 -1.07
N ALA D 96 -27.60 -3.97 -0.45
CA ALA D 96 -28.18 -3.57 0.82
C ALA D 96 -28.09 -2.07 1.02
N ARG D 97 -29.03 -1.53 1.80
CA ARG D 97 -29.08 -0.12 2.13
C ARG D 97 -28.52 0.07 3.54
N ASP D 98 -27.51 0.92 3.66
CA ASP D 98 -26.80 1.15 4.91
C ASP D 98 -27.35 2.41 5.57
N LEU D 99 -27.69 2.31 6.85
CA LEU D 99 -28.06 3.45 7.67
C LEU D 99 -27.00 3.79 8.71
N ASP D 100 -25.83 3.14 8.61
CA ASP D 100 -24.60 3.58 9.26
C ASP D 100 -24.59 3.33 10.76
N VAL D 101 -25.43 4.04 11.51
CA VAL D 101 -25.63 3.74 12.92
C VAL D 101 -26.81 2.80 13.14
N TYR D 102 -27.80 2.82 12.26
CA TYR D 102 -28.97 1.96 12.34
C TYR D 102 -28.81 0.68 11.53
N GLY D 103 -27.59 0.41 11.04
CA GLY D 103 -27.28 -0.86 10.41
C GLY D 103 -27.69 -0.96 8.95
N LEU D 104 -27.56 -2.19 8.44
CA LEU D 104 -27.97 -2.54 7.09
C LEU D 104 -29.38 -3.09 7.17
N ASP D 105 -30.36 -2.20 7.03
CA ASP D 105 -31.74 -2.55 7.37
C ASP D 105 -32.51 -3.19 6.22
N VAL D 106 -32.14 -2.92 4.97
CA VAL D 106 -32.86 -3.45 3.81
C VAL D 106 -31.88 -4.23 2.95
N TRP D 107 -32.23 -5.48 2.63
CA TRP D 107 -31.40 -6.35 1.82
C TRP D 107 -32.18 -6.86 0.62
N GLY D 108 -31.46 -7.13 -0.47
CA GLY D 108 -31.99 -7.94 -1.54
C GLY D 108 -31.93 -9.41 -1.17
N GLN D 109 -32.34 -10.26 -2.11
CA GLN D 109 -32.26 -11.71 -1.91
C GLN D 109 -31.03 -12.35 -2.55
N GLY D 110 -30.16 -11.56 -3.17
CA GLY D 110 -28.87 -12.04 -3.61
C GLY D 110 -28.89 -12.54 -5.05
N THR D 111 -27.69 -12.53 -5.64
CA THR D 111 -27.47 -13.10 -6.97
C THR D 111 -26.15 -13.88 -6.93
N THR D 112 -26.15 -15.08 -7.49
CA THR D 112 -25.04 -16.02 -7.32
C THR D 112 -24.05 -15.89 -8.46
N VAL D 113 -22.76 -15.81 -8.12
CA VAL D 113 -21.69 -15.69 -9.10
C VAL D 113 -20.70 -16.82 -8.84
N THR D 114 -20.57 -17.72 -9.82
CA THR D 114 -19.61 -18.81 -9.78
C THR D 114 -18.49 -18.51 -10.77
N VAL D 115 -17.27 -18.46 -10.28
CA VAL D 115 -16.09 -18.25 -11.11
C VAL D 115 -15.40 -19.60 -11.28
N SER D 116 -15.51 -20.17 -12.48
CA SER D 116 -14.96 -21.49 -12.73
C SER D 116 -14.83 -21.71 -14.23
N SER D 117 -13.81 -22.49 -14.61
CA SER D 117 -13.58 -22.82 -16.01
C SER D 117 -14.43 -23.99 -16.48
N ALA D 118 -15.02 -24.76 -15.55
CA ALA D 118 -15.86 -25.88 -15.93
C ALA D 118 -17.04 -25.39 -16.76
N SER D 119 -17.55 -26.31 -17.59
CA SER D 119 -18.60 -25.97 -18.55
C SER D 119 -19.97 -26.39 -18.01
N THR D 120 -21.01 -25.71 -18.50
CA THR D 120 -22.36 -26.02 -18.10
C THR D 120 -22.74 -27.44 -18.51
N LYS D 121 -23.48 -28.12 -17.64
CA LYS D 121 -23.98 -29.46 -17.94
C LYS D 121 -25.34 -29.62 -17.29
N GLY D 122 -26.29 -30.15 -18.05
CA GLY D 122 -27.59 -30.47 -17.52
C GLY D 122 -27.57 -31.81 -16.80
N PRO D 123 -28.53 -32.02 -15.91
CA PRO D 123 -28.53 -33.24 -15.10
C PRO D 123 -29.31 -34.36 -15.78
N SER D 124 -29.04 -35.57 -15.31
CA SER D 124 -29.87 -36.72 -15.60
C SER D 124 -30.69 -37.05 -14.36
N VAL D 125 -31.98 -37.32 -14.56
CA VAL D 125 -32.89 -37.59 -13.45
C VAL D 125 -33.29 -39.05 -13.50
N PHE D 126 -32.99 -39.78 -12.43
CA PHE D 126 -33.34 -41.16 -12.26
C PHE D 126 -34.34 -41.32 -11.12
N PRO D 127 -35.18 -42.34 -11.15
CA PRO D 127 -36.17 -42.51 -10.08
C PRO D 127 -35.63 -43.32 -8.91
N LEU D 128 -36.29 -43.14 -7.77
CA LEU D 128 -36.01 -43.88 -6.55
C LEU D 128 -37.35 -44.51 -6.17
N ALA D 129 -37.55 -45.76 -6.60
CA ALA D 129 -38.83 -46.43 -6.54
C ALA D 129 -39.13 -46.95 -5.13
N PRO D 130 -40.41 -47.00 -4.75
CA PRO D 130 -40.76 -47.48 -3.41
C PRO D 130 -40.67 -48.99 -3.26
N SER D 131 -41.23 -49.50 -2.16
CA SER D 131 -41.16 -50.92 -1.79
C SER D 131 -39.72 -51.38 -1.62
N GLY D 137 -46.50 -51.40 4.48
CA GLY D 137 -47.37 -51.13 5.61
C GLY D 137 -47.19 -49.73 6.17
N GLY D 138 -48.23 -48.90 6.03
CA GLY D 138 -48.19 -47.55 6.56
C GLY D 138 -47.55 -46.53 5.62
N THR D 139 -46.30 -46.18 5.88
CA THR D 139 -45.59 -45.14 5.14
C THR D 139 -44.60 -45.78 4.16
N ALA D 140 -44.50 -45.20 2.96
CA ALA D 140 -43.53 -45.64 1.97
C ALA D 140 -42.86 -44.43 1.35
N ALA D 141 -41.57 -44.51 1.09
CA ALA D 141 -40.79 -43.39 0.59
C ALA D 141 -40.38 -43.61 -0.86
N LEU D 142 -40.36 -42.53 -1.63
CA LEU D 142 -39.88 -42.56 -3.01
C LEU D 142 -39.14 -41.25 -3.29
N GLY D 143 -38.54 -41.14 -4.47
CA GLY D 143 -37.81 -39.92 -4.74
C GLY D 143 -37.22 -39.86 -6.14
N CYS D 144 -36.35 -38.87 -6.33
CA CYS D 144 -35.70 -38.55 -7.59
C CYS D 144 -34.24 -38.24 -7.32
N LEU D 145 -33.36 -38.80 -8.14
CA LEU D 145 -31.93 -38.54 -8.09
C LEU D 145 -31.56 -37.67 -9.28
N VAL D 146 -31.08 -36.46 -9.00
CA VAL D 146 -30.68 -35.49 -10.01
C VAL D 146 -29.16 -35.48 -10.01
N LYS D 147 -28.55 -36.11 -11.01
CA LYS D 147 -27.12 -36.37 -10.99
C LYS D 147 -26.41 -35.62 -12.11
N ASP D 148 -25.19 -35.15 -11.80
CA ASP D 148 -24.19 -34.74 -12.79
C ASP D 148 -24.63 -33.50 -13.57
N TYR D 149 -24.79 -32.40 -12.84
CA TYR D 149 -25.08 -31.11 -13.42
C TYR D 149 -24.10 -30.07 -12.90
N PHE D 150 -24.00 -28.95 -13.64
CA PHE D 150 -23.14 -27.85 -13.26
C PHE D 150 -23.56 -26.61 -14.04
N PRO D 151 -23.59 -25.43 -13.41
CA PRO D 151 -23.35 -25.25 -11.98
C PRO D 151 -24.65 -25.27 -11.17
N GLU D 152 -24.57 -24.98 -9.88
CA GLU D 152 -25.78 -24.81 -9.08
C GLU D 152 -26.59 -23.63 -9.63
N PRO D 153 -27.92 -23.63 -9.42
CA PRO D 153 -28.72 -24.60 -8.68
C PRO D 153 -29.67 -25.43 -9.53
N VAL D 154 -30.42 -26.29 -8.84
CA VAL D 154 -31.47 -27.10 -9.44
C VAL D 154 -32.71 -26.98 -8.56
N THR D 155 -33.87 -26.82 -9.19
CA THR D 155 -35.13 -26.77 -8.47
C THR D 155 -35.91 -28.05 -8.71
N VAL D 156 -36.60 -28.54 -7.68
CA VAL D 156 -37.36 -29.78 -7.74
C VAL D 156 -38.69 -29.57 -7.05
N SER D 157 -39.78 -29.80 -7.79
CA SER D 157 -41.12 -29.85 -7.22
C SER D 157 -41.71 -31.23 -7.47
N TRP D 158 -42.88 -31.48 -6.88
CA TRP D 158 -43.55 -32.76 -7.01
C TRP D 158 -44.98 -32.54 -7.48
N ASN D 159 -45.33 -33.16 -8.61
CA ASN D 159 -46.66 -33.04 -9.20
C ASN D 159 -46.99 -31.57 -9.51
N SER D 160 -46.04 -30.89 -10.16
CA SER D 160 -46.20 -29.51 -10.60
C SER D 160 -46.51 -28.59 -9.42
N GLY D 161 -45.95 -28.88 -8.25
CA GLY D 161 -46.17 -28.08 -7.07
C GLY D 161 -47.34 -28.51 -6.20
N ALA D 162 -48.10 -29.52 -6.62
CA ALA D 162 -49.28 -29.95 -5.88
C ALA D 162 -48.95 -30.69 -4.60
N LEU D 163 -47.70 -31.12 -4.41
CA LEU D 163 -47.30 -31.89 -3.24
C LEU D 163 -46.13 -31.20 -2.56
N THR D 164 -46.35 -30.76 -1.31
CA THR D 164 -45.29 -30.13 -0.51
C THR D 164 -45.05 -30.80 0.83
N SER D 165 -46.06 -31.46 1.41
CA SER D 165 -45.91 -32.09 2.72
C SER D 165 -45.24 -33.45 2.56
N GLY D 166 -44.20 -33.68 3.36
CA GLY D 166 -43.44 -34.91 3.27
C GLY D 166 -42.24 -34.84 2.36
N VAL D 167 -41.97 -33.69 1.75
CA VAL D 167 -40.90 -33.55 0.76
C VAL D 167 -39.62 -33.07 1.42
N HIS D 168 -38.51 -33.71 1.06
CA HIS D 168 -37.17 -33.30 1.49
C HIS D 168 -36.27 -33.29 0.26
N THR D 169 -35.85 -32.09 -0.16
CA THR D 169 -34.86 -31.96 -1.24
C THR D 169 -33.54 -31.60 -0.61
N PHE D 170 -32.57 -32.50 -0.72
CA PHE D 170 -31.31 -32.37 -0.02
C PHE D 170 -30.38 -31.37 -0.72
N PRO D 171 -29.48 -30.73 0.04
CA PRO D 171 -28.50 -29.85 -0.60
C PRO D 171 -27.63 -30.61 -1.57
N ALA D 172 -27.25 -29.94 -2.64
CA ALA D 172 -26.36 -30.55 -3.63
C ALA D 172 -24.99 -30.82 -3.02
N VAL D 173 -24.41 -31.97 -3.35
CA VAL D 173 -23.05 -32.30 -2.97
C VAL D 173 -22.18 -32.28 -4.21
N LEU D 174 -20.94 -31.83 -4.06
CA LEU D 174 -20.00 -31.77 -5.16
C LEU D 174 -19.25 -33.09 -5.23
N GLN D 175 -19.42 -33.81 -6.34
CA GLN D 175 -18.73 -35.08 -6.53
C GLN D 175 -17.30 -34.86 -6.98
N SER D 176 -16.49 -35.91 -6.89
CA SER D 176 -15.09 -35.82 -7.29
C SER D 176 -14.94 -35.51 -8.78
N SER D 177 -15.98 -35.72 -9.58
CA SER D 177 -15.99 -35.35 -10.98
C SER D 177 -16.07 -33.85 -11.19
N GLY D 178 -16.37 -33.08 -10.15
CA GLY D 178 -16.59 -31.66 -10.28
C GLY D 178 -18.00 -31.26 -10.63
N LEU D 179 -18.92 -32.23 -10.72
CA LEU D 179 -20.32 -31.96 -11.01
C LEU D 179 -21.16 -32.21 -9.77
N TYR D 180 -22.30 -31.52 -9.69
CA TYR D 180 -23.17 -31.61 -8.54
C TYR D 180 -24.21 -32.72 -8.72
N SER D 181 -24.62 -33.29 -7.60
CA SER D 181 -25.71 -34.25 -7.59
C SER D 181 -26.56 -34.00 -6.36
N LEU D 182 -27.80 -34.46 -6.42
CA LEU D 182 -28.84 -34.05 -5.48
C LEU D 182 -29.91 -35.12 -5.44
N SER D 183 -30.65 -35.14 -4.34
CA SER D 183 -31.74 -36.09 -4.17
C SER D 183 -32.94 -35.38 -3.56
N SER D 184 -34.13 -35.77 -4.01
CA SER D 184 -35.38 -35.24 -3.46
C SER D 184 -36.32 -36.40 -3.20
N VAL D 185 -36.72 -36.56 -1.94
CA VAL D 185 -37.54 -37.70 -1.53
C VAL D 185 -38.84 -37.19 -0.93
N VAL D 186 -39.78 -38.12 -0.79
CA VAL D 186 -41.08 -37.83 -0.21
C VAL D 186 -41.64 -39.13 0.37
N THR D 187 -42.24 -39.02 1.54
CA THR D 187 -42.94 -40.12 2.19
C THR D 187 -44.44 -39.97 1.91
N VAL D 188 -45.07 -41.04 1.46
CA VAL D 188 -46.48 -41.06 1.11
C VAL D 188 -47.13 -42.21 1.88
N PRO D 189 -48.46 -42.24 1.99
CA PRO D 189 -49.11 -43.49 2.38
C PRO D 189 -48.93 -44.53 1.28
N SER D 190 -48.55 -45.74 1.69
CA SER D 190 -48.35 -46.81 0.71
C SER D 190 -49.66 -47.21 0.04
N SER D 191 -50.80 -46.91 0.67
CA SER D 191 -52.10 -47.15 0.04
C SER D 191 -52.19 -46.45 -1.31
N SER D 192 -51.69 -45.22 -1.39
CA SER D 192 -51.71 -44.44 -2.63
C SER D 192 -50.52 -44.77 -3.54
N LEU D 193 -49.71 -45.76 -3.19
CA LEU D 193 -48.62 -46.17 -4.08
C LEU D 193 -49.16 -46.60 -5.43
N GLY D 194 -50.25 -47.36 -5.42
CA GLY D 194 -50.97 -47.61 -6.63
C GLY D 194 -51.98 -46.52 -6.96
N THR D 195 -52.45 -45.78 -5.96
CA THR D 195 -53.55 -44.85 -6.18
C THR D 195 -53.14 -43.38 -5.98
N GLN D 196 -51.97 -43.02 -6.51
CA GLN D 196 -51.67 -41.64 -6.91
C GLN D 196 -50.39 -41.66 -7.72
N THR D 197 -50.35 -40.81 -8.75
CA THR D 197 -49.21 -40.76 -9.65
C THR D 197 -48.27 -39.65 -9.22
N TYR D 198 -47.00 -40.00 -8.98
CA TYR D 198 -46.00 -39.09 -8.45
C TYR D 198 -45.00 -38.73 -9.53
N ILE D 199 -44.94 -37.45 -9.88
CA ILE D 199 -44.01 -36.93 -10.89
C ILE D 199 -43.13 -35.89 -10.23
N CYS D 200 -41.82 -36.04 -10.37
CA CYS D 200 -40.88 -35.03 -9.91
C CYS D 200 -40.49 -34.14 -11.10
N ASN D 201 -40.57 -32.84 -10.88
CA ASN D 201 -40.29 -31.82 -11.89
C ASN D 201 -38.97 -31.16 -11.53
N VAL D 202 -37.96 -31.35 -12.39
CA VAL D 202 -36.60 -30.91 -12.15
C VAL D 202 -36.25 -29.86 -13.18
N ASN D 203 -35.83 -28.68 -12.72
CA ASN D 203 -35.45 -27.59 -13.61
C ASN D 203 -34.04 -27.14 -13.28
N HIS D 204 -33.17 -27.15 -14.29
CA HIS D 204 -31.80 -26.64 -14.22
C HIS D 204 -31.70 -25.56 -15.31
N LYS D 205 -31.98 -24.33 -14.92
CA LYS D 205 -32.04 -23.20 -15.85
C LYS D 205 -30.69 -22.83 -16.47
N PRO D 206 -29.56 -22.97 -15.77
CA PRO D 206 -28.27 -22.69 -16.44
C PRO D 206 -28.07 -23.48 -17.73
N SER D 207 -28.66 -24.66 -17.84
CA SER D 207 -28.66 -25.41 -19.10
C SER D 207 -30.02 -25.41 -19.77
N ASN D 208 -30.98 -24.68 -19.22
CA ASN D 208 -32.36 -24.66 -19.70
C ASN D 208 -32.88 -26.09 -19.88
N THR D 209 -32.75 -26.89 -18.83
CA THR D 209 -33.24 -28.26 -18.83
C THR D 209 -34.46 -28.35 -17.92
N LYS D 210 -35.51 -28.98 -18.43
CA LYS D 210 -36.68 -29.33 -17.62
C LYS D 210 -37.00 -30.79 -17.88
N VAL D 211 -37.04 -31.58 -16.80
CA VAL D 211 -37.33 -33.00 -16.88
C VAL D 211 -38.47 -33.31 -15.93
N ASP D 212 -39.53 -33.91 -16.45
CA ASP D 212 -40.58 -34.51 -15.64
C ASP D 212 -40.35 -36.01 -15.62
N LYS D 213 -40.11 -36.57 -14.44
CA LYS D 213 -39.86 -37.99 -14.31
C LYS D 213 -40.93 -38.61 -13.41
N LYS D 214 -41.56 -39.66 -13.90
CA LYS D 214 -42.55 -40.40 -13.13
C LYS D 214 -41.86 -41.49 -12.33
N VAL D 215 -42.18 -41.56 -11.04
CA VAL D 215 -41.60 -42.53 -10.13
C VAL D 215 -42.69 -43.54 -9.79
N GLU D 216 -42.63 -44.72 -10.39
CA GLU D 216 -43.59 -45.77 -10.13
C GLU D 216 -42.90 -46.99 -9.54
N PRO D 217 -43.63 -47.82 -8.78
CA PRO D 217 -42.98 -48.94 -8.07
C PRO D 217 -42.35 -49.98 -8.98
N LYS D 218 -41.82 -51.04 -8.38
CA LYS D 218 -41.24 -52.14 -9.15
C LYS D 218 -41.93 -53.45 -8.80
N SER D 219 -41.22 -54.57 -8.95
CA SER D 219 -41.75 -55.93 -8.84
C SER D 219 -42.86 -56.11 -7.81
N ASN E 16 -0.84 43.92 20.62
CA ASN E 16 -1.55 43.62 19.38
C ASN E 16 -1.27 42.20 18.90
N LEU E 17 -1.17 41.26 19.84
CA LEU E 17 -0.89 39.87 19.49
C LEU E 17 -2.16 39.15 19.07
N CYS E 18 -2.01 38.24 18.11
CA CYS E 18 -3.15 37.53 17.54
C CYS E 18 -3.72 36.53 18.55
N PRO E 19 -5.06 36.37 18.60
CA PRO E 19 -5.68 35.59 19.69
C PRO E 19 -5.78 34.09 19.37
N PHE E 20 -4.62 33.47 19.12
CA PHE E 20 -4.60 32.03 18.91
C PHE E 20 -4.91 31.27 20.19
N GLY E 21 -4.63 31.87 21.35
CA GLY E 21 -4.90 31.18 22.60
C GLY E 21 -6.39 30.98 22.84
N GLU E 22 -7.20 31.95 22.42
CA GLU E 22 -8.64 31.80 22.58
C GLU E 22 -9.18 30.66 21.72
N VAL E 23 -8.53 30.38 20.60
CA VAL E 23 -8.99 29.33 19.69
C VAL E 23 -8.50 27.97 20.15
N PHE E 24 -7.17 27.83 20.29
CA PHE E 24 -6.59 26.53 20.62
C PHE E 24 -6.92 26.10 22.05
N ASN E 25 -7.08 27.06 22.97
CA ASN E 25 -7.25 26.73 24.38
C ASN E 25 -8.67 27.01 24.87
N ALA E 26 -9.64 27.11 23.96
CA ALA E 26 -11.03 27.23 24.37
C ALA E 26 -11.44 26.02 25.21
N THR E 27 -12.20 26.28 26.27
CA THR E 27 -12.66 25.18 27.11
C THR E 27 -13.67 24.31 26.39
N ARG E 28 -14.55 24.93 25.61
CA ARG E 28 -15.55 24.22 24.81
C ARG E 28 -15.20 24.31 23.33
N PHE E 29 -15.52 23.26 22.59
CA PHE E 29 -15.32 23.21 21.16
C PHE E 29 -16.63 22.88 20.46
N ALA E 30 -16.76 23.33 19.22
CA ALA E 30 -17.98 23.11 18.46
C ALA E 30 -18.07 21.66 17.97
N SER E 31 -19.29 21.25 17.67
CA SER E 31 -19.49 20.04 16.87
C SER E 31 -19.12 20.32 15.43
N VAL E 32 -18.64 19.27 14.74
CA VAL E 32 -18.03 19.48 13.43
C VAL E 32 -19.04 20.02 12.42
N TYR E 33 -20.29 19.57 12.49
CA TYR E 33 -21.30 20.08 11.58
C TYR E 33 -21.55 21.57 11.81
N ALA E 34 -21.41 22.02 13.06
CA ALA E 34 -21.59 23.43 13.39
C ALA E 34 -20.24 24.06 13.69
N TRP E 35 -19.25 23.78 12.83
CA TRP E 35 -17.86 24.10 13.14
C TRP E 35 -17.66 25.60 13.30
N ASN E 36 -16.73 25.96 14.18
CA ASN E 36 -16.54 27.36 14.53
C ASN E 36 -15.42 27.96 13.69
N ARG E 37 -15.56 29.27 13.42
CA ARG E 37 -14.56 30.00 12.63
C ARG E 37 -14.23 31.31 13.33
N LYS E 38 -12.94 31.54 13.57
CA LYS E 38 -12.42 32.77 14.13
C LYS E 38 -11.65 33.51 13.04
N ARG E 39 -11.97 34.79 12.86
CA ARG E 39 -11.36 35.62 11.83
C ARG E 39 -10.24 36.43 12.46
N ILE E 40 -9.00 35.94 12.29
CA ILE E 40 -7.80 36.61 12.76
C ILE E 40 -7.47 37.76 11.81
N SER E 41 -7.40 38.98 12.36
CA SER E 41 -7.21 40.21 11.60
C SER E 41 -6.52 41.24 12.48
N ASN E 42 -5.68 42.07 11.84
CA ASN E 42 -5.08 43.26 12.45
C ASN E 42 -4.31 42.91 13.74
N CYS E 43 -3.26 42.10 13.59
CA CYS E 43 -2.50 41.68 14.75
C CYS E 43 -1.19 41.05 14.29
N VAL E 44 -0.26 40.90 15.24
CA VAL E 44 1.00 40.21 15.00
C VAL E 44 0.86 38.79 15.54
N ALA E 45 0.93 37.81 14.65
CA ALA E 45 0.88 36.42 15.05
C ALA E 45 2.30 35.88 15.20
N ASP E 46 2.51 35.09 16.24
CA ASP E 46 3.76 34.35 16.41
C ASP E 46 3.41 32.86 16.39
N TYR E 47 3.73 32.21 15.27
CA TYR E 47 3.34 30.81 15.08
C TYR E 47 4.25 29.84 15.81
N SER E 48 5.34 30.31 16.42
CA SER E 48 6.26 29.40 17.09
C SER E 48 5.61 28.77 18.33
N VAL E 49 4.65 29.45 18.95
CA VAL E 49 3.90 28.83 20.03
C VAL E 49 3.23 27.56 19.54
N LEU E 50 2.84 27.53 18.26
CA LEU E 50 2.17 26.35 17.70
C LEU E 50 3.19 25.27 17.33
N TYR E 51 4.05 25.55 16.36
CA TYR E 51 4.88 24.49 15.79
C TYR E 51 5.96 23.99 16.73
N ASN E 52 6.28 24.74 17.80
CA ASN E 52 7.25 24.28 18.78
C ASN E 52 6.62 23.55 19.94
N SER E 53 5.29 23.52 20.03
CA SER E 53 4.63 22.84 21.14
C SER E 53 4.71 21.33 20.96
N ALA E 54 4.61 20.62 22.09
CA ALA E 54 4.69 19.17 22.10
C ALA E 54 3.33 18.51 22.39
N SER E 55 2.24 19.26 22.29
CA SER E 55 0.93 18.76 22.68
C SER E 55 0.10 18.26 21.51
N PHE E 56 0.62 18.29 20.30
CA PHE E 56 -0.18 18.03 19.10
C PHE E 56 0.07 16.63 18.56
N SER E 57 -1.01 15.91 18.27
CA SER E 57 -0.92 14.61 17.63
C SER E 57 -0.67 14.73 16.13
N THR E 58 -1.06 15.85 15.52
CA THR E 58 -1.02 15.99 14.08
C THR E 58 -0.85 17.45 13.71
N PHE E 59 0.05 17.73 12.75
CA PHE E 59 0.38 19.09 12.34
C PHE E 59 0.80 19.04 10.86
N LYS E 60 -0.19 19.04 9.97
CA LYS E 60 0.05 18.86 8.54
C LYS E 60 -0.27 20.16 7.81
N CYS E 61 0.75 20.79 7.23
CA CYS E 61 0.60 22.04 6.52
C CYS E 61 0.72 21.82 5.02
N TYR E 62 0.15 22.74 4.26
CA TYR E 62 -0.08 22.59 2.82
C TYR E 62 0.19 23.94 2.17
N GLY E 63 1.21 23.99 1.30
CA GLY E 63 1.56 25.20 0.59
C GLY E 63 2.27 26.25 1.41
N VAL E 64 2.30 26.10 2.73
CA VAL E 64 3.00 27.02 3.62
C VAL E 64 3.83 26.18 4.57
N SER E 65 4.92 26.75 5.05
CA SER E 65 5.68 26.13 6.12
C SER E 65 5.52 26.98 7.37
N PRO E 66 5.01 26.44 8.47
CA PRO E 66 4.73 27.28 9.64
C PRO E 66 5.95 27.97 10.20
N THR E 67 7.16 27.52 9.86
CA THR E 67 8.38 28.14 10.35
C THR E 67 8.79 29.37 9.53
N LYS E 68 8.33 29.47 8.28
CA LYS E 68 8.61 30.63 7.43
C LYS E 68 7.51 31.67 7.47
N LEU E 69 6.50 31.48 8.32
CA LEU E 69 5.39 32.41 8.36
C LEU E 69 5.71 33.66 9.16
N ASN E 70 6.62 33.58 10.14
CA ASN E 70 6.76 34.68 11.10
C ASN E 70 7.39 35.97 10.48
N ASP E 71 7.62 36.08 9.18
CA ASP E 71 7.80 37.38 8.53
C ASP E 71 7.19 37.37 7.13
N LEU E 72 5.92 37.01 7.06
CA LEU E 72 5.10 37.25 5.89
C LEU E 72 3.73 37.72 6.36
N CYS E 73 3.09 38.55 5.54
CA CYS E 73 1.84 39.18 5.90
C CYS E 73 0.70 38.67 5.02
N PHE E 74 -0.47 38.52 5.64
CA PHE E 74 -1.68 38.06 4.95
C PHE E 74 -2.81 39.05 5.20
N THR E 75 -3.78 39.05 4.29
CA THR E 75 -4.95 39.91 4.48
C THR E 75 -5.83 39.40 5.61
N ASN E 76 -5.99 38.08 5.72
CA ASN E 76 -6.77 37.50 6.81
C ASN E 76 -6.28 36.09 7.09
N VAL E 77 -6.53 35.63 8.31
CA VAL E 77 -6.33 34.23 8.65
C VAL E 77 -7.63 33.71 9.27
N TYR E 78 -8.01 32.49 8.92
CA TYR E 78 -9.17 31.86 9.51
C TYR E 78 -8.72 30.67 10.35
N ALA E 79 -9.22 30.60 11.58
CA ALA E 79 -9.00 29.47 12.47
C ALA E 79 -10.35 28.79 12.68
N ASP E 80 -10.54 27.64 12.02
CA ASP E 80 -11.75 26.85 12.18
C ASP E 80 -11.47 25.74 13.18
N SER E 81 -12.38 25.56 14.13
CA SER E 81 -12.17 24.57 15.17
C SER E 81 -13.42 23.71 15.35
N PHE E 82 -13.18 22.45 15.69
CA PHE E 82 -14.25 21.50 15.95
C PHE E 82 -13.66 20.24 16.58
N VAL E 83 -14.53 19.25 16.81
CA VAL E 83 -14.15 17.99 17.44
C VAL E 83 -14.65 16.85 16.56
N ILE E 84 -13.73 15.96 16.17
CA ILE E 84 -14.13 14.75 15.45
C ILE E 84 -13.53 13.57 16.20
N ARG E 85 -13.49 12.40 15.59
CA ARG E 85 -12.80 11.28 16.22
C ARG E 85 -11.55 10.91 15.42
N GLY E 86 -10.63 10.24 16.11
CA GLY E 86 -9.27 10.07 15.58
C GLY E 86 -9.23 9.51 14.18
N ASP E 87 -9.96 8.42 13.95
CA ASP E 87 -10.00 7.79 12.64
C ASP E 87 -10.38 8.76 11.53
N GLU E 88 -11.07 9.85 11.86
CA GLU E 88 -11.55 10.80 10.86
C GLU E 88 -10.60 11.98 10.66
N VAL E 89 -9.55 12.11 11.46
CA VAL E 89 -8.67 13.27 11.34
C VAL E 89 -8.02 13.32 9.96
N ARG E 90 -7.68 12.15 9.40
CA ARG E 90 -7.07 12.12 8.07
C ARG E 90 -7.99 12.66 6.99
N GLN E 91 -9.27 12.88 7.29
CA GLN E 91 -10.19 13.46 6.32
C GLN E 91 -10.06 14.97 6.24
N ILE E 92 -9.49 15.61 7.25
CA ILE E 92 -9.36 17.08 7.27
C ILE E 92 -8.10 17.40 6.46
N ALA E 93 -8.25 17.33 5.15
CA ALA E 93 -7.16 17.49 4.20
C ALA E 93 -7.77 17.70 2.82
N PRO E 94 -7.03 18.32 1.89
CA PRO E 94 -7.53 18.42 0.53
C PRO E 94 -7.65 17.05 -0.12
N GLY E 95 -8.67 16.91 -0.97
CA GLY E 95 -8.84 15.71 -1.76
C GLY E 95 -9.25 14.47 -1.00
N GLN E 96 -9.95 14.62 0.11
CA GLN E 96 -10.39 13.48 0.91
C GLN E 96 -11.90 13.28 0.75
N THR E 97 -12.33 12.05 1.07
CA THR E 97 -13.74 11.70 1.06
C THR E 97 -14.08 10.92 2.32
N GLY E 98 -15.35 10.95 2.67
CA GLY E 98 -15.82 10.38 3.91
C GLY E 98 -16.95 11.22 4.46
N LYS E 99 -17.58 10.71 5.53
CA LYS E 99 -18.71 11.41 6.11
C LYS E 99 -18.34 12.83 6.53
N ILE E 100 -17.15 13.00 7.12
CA ILE E 100 -16.74 14.30 7.61
C ILE E 100 -16.39 15.24 6.45
N ALA E 101 -15.60 14.76 5.50
CA ALA E 101 -15.19 15.61 4.39
C ALA E 101 -16.34 15.90 3.45
N ASP E 102 -17.28 14.96 3.29
CA ASP E 102 -18.38 15.14 2.36
C ASP E 102 -19.54 15.91 2.96
N TYR E 103 -19.86 15.68 4.24
CA TYR E 103 -21.09 16.21 4.83
C TYR E 103 -20.88 17.10 6.04
N ASN E 104 -19.64 17.42 6.42
CA ASN E 104 -19.45 18.20 7.64
C ASN E 104 -18.45 19.34 7.47
N TYR E 105 -17.23 19.05 7.04
CA TYR E 105 -16.21 20.07 6.85
C TYR E 105 -15.38 19.70 5.63
N LYS E 106 -15.34 20.58 4.64
CA LYS E 106 -14.69 20.32 3.36
C LYS E 106 -13.57 21.33 3.14
N LEU E 107 -12.34 20.84 3.01
CA LEU E 107 -11.25 21.68 2.56
C LEU E 107 -11.19 21.69 1.04
N PRO E 108 -10.81 22.82 0.44
CA PRO E 108 -10.68 22.88 -1.01
C PRO E 108 -9.43 22.13 -1.47
N ASP E 109 -9.40 21.81 -2.77
CA ASP E 109 -8.23 21.15 -3.33
C ASP E 109 -7.02 22.09 -3.35
N ASP E 110 -7.25 23.37 -3.62
CA ASP E 110 -6.18 24.38 -3.57
C ASP E 110 -5.95 24.91 -2.17
N PHE E 111 -6.20 24.11 -1.14
CA PHE E 111 -6.10 24.58 0.23
C PHE E 111 -4.67 24.99 0.57
N THR E 112 -4.55 26.08 1.32
CA THR E 112 -3.27 26.64 1.74
C THR E 112 -3.35 26.95 3.23
N GLY E 113 -2.70 26.13 4.06
CA GLY E 113 -2.79 26.33 5.49
C GLY E 113 -2.39 25.07 6.23
N CYS E 114 -2.70 25.05 7.52
CA CYS E 114 -2.29 23.97 8.40
C CYS E 114 -3.49 23.32 9.08
N VAL E 115 -3.39 22.02 9.28
CA VAL E 115 -4.39 21.24 10.01
C VAL E 115 -3.70 20.68 11.25
N ILE E 116 -4.16 21.12 12.41
CA ILE E 116 -3.56 20.77 13.70
C ILE E 116 -4.61 20.03 14.51
N ALA E 117 -4.21 18.92 15.13
CA ALA E 117 -5.16 18.10 15.86
C ALA E 117 -4.46 17.45 17.04
N TRP E 118 -5.22 17.29 18.13
CA TRP E 118 -4.69 16.61 19.31
C TRP E 118 -5.79 15.81 19.99
N ASN E 119 -5.38 14.71 20.62
CA ASN E 119 -6.29 13.86 21.37
C ASN E 119 -6.85 14.62 22.55
N SER E 120 -8.18 14.60 22.70
CA SER E 120 -8.85 15.29 23.79
C SER E 120 -9.74 14.34 24.59
N ASN E 121 -9.29 13.09 24.74
CA ASN E 121 -10.06 12.10 25.48
C ASN E 121 -10.28 12.53 26.92
N ASN E 122 -9.29 13.21 27.51
CA ASN E 122 -9.40 13.62 28.90
C ASN E 122 -10.34 14.80 29.11
N LEU E 123 -10.83 15.43 28.04
CA LEU E 123 -11.70 16.59 28.15
C LEU E 123 -13.06 16.42 27.51
N ASP E 124 -13.21 15.54 26.52
CA ASP E 124 -14.46 15.38 25.80
C ASP E 124 -15.07 13.99 25.97
N SER E 125 -14.58 13.21 26.94
CA SER E 125 -15.17 11.94 27.28
C SER E 125 -15.58 11.97 28.75
N LYS E 126 -16.81 11.55 29.03
CA LYS E 126 -17.31 11.43 30.39
C LYS E 126 -18.13 10.16 30.50
N VAL E 127 -18.48 9.81 31.73
CA VAL E 127 -19.23 8.58 32.00
C VAL E 127 -20.67 8.92 32.38
N ASN E 130 -20.53 10.15 28.49
CA ASN E 130 -21.24 9.96 27.24
C ASN E 130 -21.65 11.31 26.64
N TYR E 131 -20.65 12.16 26.39
CA TYR E 131 -20.86 13.55 25.98
C TYR E 131 -21.63 13.66 24.65
N ASN E 132 -21.91 14.89 24.21
CA ASN E 132 -22.89 15.17 23.15
C ASN E 132 -22.26 16.03 22.05
N TYR E 133 -21.35 15.46 21.28
CA TYR E 133 -20.89 16.06 20.04
C TYR E 133 -21.62 15.41 18.87
N LEU E 134 -21.88 16.20 17.82
CA LEU E 134 -22.69 15.76 16.71
C LEU E 134 -21.93 15.82 15.40
N TYR E 135 -22.34 14.98 14.45
CA TYR E 135 -21.93 15.06 13.05
C TYR E 135 -23.14 14.85 12.16
N ARG E 136 -23.10 15.46 10.98
CA ARG E 136 -24.15 15.22 10.00
C ARG E 136 -23.93 13.86 9.35
N LEU E 137 -24.98 13.04 9.33
CA LEU E 137 -24.90 11.69 8.77
C LEU E 137 -25.56 11.56 7.41
N PHE E 138 -26.64 12.27 7.16
CA PHE E 138 -27.36 12.19 5.89
C PHE E 138 -27.33 13.54 5.20
N ARG E 139 -26.96 13.53 3.91
CA ARG E 139 -27.03 14.72 3.08
C ARG E 139 -27.12 14.28 1.64
N LYS E 140 -27.95 14.98 0.85
CA LYS E 140 -28.17 14.57 -0.53
C LYS E 140 -26.91 14.76 -1.38
N SER E 141 -26.09 15.76 -1.08
CA SER E 141 -24.92 16.05 -1.89
C SER E 141 -23.77 16.49 -0.99
N ASN E 142 -22.58 16.51 -1.57
CA ASN E 142 -21.38 16.89 -0.84
C ASN E 142 -21.38 18.39 -0.55
N LEU E 143 -20.73 18.76 0.55
CA LEU E 143 -20.57 20.17 0.88
C LEU E 143 -19.57 20.83 -0.07
N LYS E 144 -19.81 22.11 -0.34
CA LYS E 144 -18.81 22.92 -1.02
C LYS E 144 -17.70 23.27 -0.03
N PRO E 145 -16.50 23.58 -0.52
CA PRO E 145 -15.39 23.90 0.39
C PRO E 145 -15.74 25.07 1.31
N PHE E 146 -15.55 24.85 2.61
CA PHE E 146 -15.84 25.83 3.66
C PHE E 146 -17.32 26.15 3.79
N GLU E 147 -18.19 25.22 3.38
CA GLU E 147 -19.62 25.37 3.61
C GLU E 147 -19.97 24.88 5.01
N ARG E 148 -20.92 25.56 5.64
CA ARG E 148 -21.39 25.21 6.98
C ARG E 148 -22.89 24.96 6.91
N ASP E 149 -23.30 23.72 7.13
CA ASP E 149 -24.70 23.31 7.06
C ASP E 149 -25.17 22.95 8.46
N ILE E 150 -26.02 23.78 9.04
CA ILE E 150 -26.58 23.55 10.36
C ILE E 150 -28.05 23.17 10.29
N SER E 151 -28.55 22.83 9.10
CA SER E 151 -29.94 22.43 8.94
C SER E 151 -30.25 21.19 9.78
N THR E 152 -31.50 21.10 10.22
CA THR E 152 -31.98 19.92 10.95
C THR E 152 -33.22 19.33 10.28
N GLU E 153 -33.47 19.69 9.02
CA GLU E 153 -34.59 19.13 8.29
C GLU E 153 -34.50 17.61 8.23
N ILE E 154 -35.64 16.95 8.39
CA ILE E 154 -35.68 15.49 8.28
C ILE E 154 -35.22 15.08 6.89
N TYR E 155 -34.24 14.18 6.84
CA TYR E 155 -33.68 13.75 5.57
C TYR E 155 -34.62 12.75 4.90
N GLN E 156 -34.94 13.01 3.64
CA GLN E 156 -35.87 12.18 2.88
C GLN E 156 -35.06 11.16 2.08
N ALA E 157 -35.11 9.90 2.50
CA ALA E 157 -34.38 8.83 1.84
C ALA E 157 -35.17 8.18 0.70
N GLY E 158 -36.42 8.56 0.50
CA GLY E 158 -37.22 7.95 -0.55
C GLY E 158 -38.14 8.90 -1.29
N SER E 159 -39.19 8.36 -1.92
CA SER E 159 -40.12 9.17 -2.68
C SER E 159 -41.10 9.92 -1.77
N THR E 160 -41.48 9.33 -0.66
CA THR E 160 -42.50 9.92 0.20
C THR E 160 -41.95 11.15 0.92
N PRO E 161 -42.60 12.30 0.83
CA PRO E 161 -42.20 13.44 1.65
C PRO E 161 -42.36 13.13 3.13
N CYS E 162 -41.55 13.81 3.95
CA CYS E 162 -41.44 13.46 5.36
C CYS E 162 -42.36 14.26 6.26
N ASN E 163 -42.73 15.49 5.85
CA ASN E 163 -43.65 16.33 6.62
C ASN E 163 -43.18 16.53 8.06
N GLY E 164 -41.87 16.65 8.23
CA GLY E 164 -41.29 16.91 9.53
C GLY E 164 -41.45 15.82 10.57
N VAL E 165 -41.84 14.61 10.17
CA VAL E 165 -41.98 13.50 11.09
C VAL E 165 -40.90 12.47 10.78
N GLU E 166 -40.31 11.93 11.85
CA GLU E 166 -39.29 10.90 11.70
C GLU E 166 -39.95 9.54 11.52
N GLY E 167 -39.37 8.74 10.64
CA GLY E 167 -39.90 7.42 10.40
C GLY E 167 -39.07 6.70 9.35
N PHE E 168 -39.67 5.66 8.76
CA PHE E 168 -38.98 4.92 7.71
C PHE E 168 -38.69 5.84 6.54
N ASN E 169 -37.44 5.80 6.07
CA ASN E 169 -36.94 6.67 5.00
C ASN E 169 -37.04 8.16 5.33
N CYS E 170 -37.17 8.49 6.63
CA CYS E 170 -37.29 9.87 7.08
C CYS E 170 -36.48 10.00 8.37
N TYR E 171 -35.23 10.45 8.25
CA TYR E 171 -34.27 10.34 9.33
C TYR E 171 -33.77 11.72 9.76
N PHE E 172 -33.58 11.88 11.07
CA PHE E 172 -32.93 13.07 11.60
C PHE E 172 -31.50 13.12 11.08
N PRO E 173 -31.06 14.25 10.52
CA PRO E 173 -29.78 14.26 9.80
C PRO E 173 -28.55 14.24 10.70
N LEU E 174 -28.66 14.59 11.97
CA LEU E 174 -27.51 14.66 12.85
C LEU E 174 -27.45 13.45 13.78
N GLN E 175 -26.23 13.02 14.09
CA GLN E 175 -25.98 11.85 14.92
C GLN E 175 -24.94 12.20 15.97
N SER E 176 -24.98 11.50 17.09
CA SER E 176 -24.12 11.79 18.23
C SER E 176 -22.92 10.84 18.25
N TYR E 177 -21.75 11.41 18.52
CA TYR E 177 -20.57 10.60 18.80
C TYR E 177 -20.74 9.88 20.12
N GLY E 178 -20.49 8.57 20.13
CA GLY E 178 -20.48 7.84 21.37
C GLY E 178 -19.16 7.98 22.10
N PHE E 179 -18.84 9.19 22.55
CA PHE E 179 -17.54 9.46 23.15
C PHE E 179 -17.51 8.94 24.58
N GLN E 180 -16.86 7.78 24.76
CA GLN E 180 -16.65 7.14 26.04
C GLN E 180 -15.16 7.05 26.33
N PRO E 181 -14.74 7.25 27.57
CA PRO E 181 -13.29 7.27 27.86
C PRO E 181 -12.57 5.98 27.51
N THR E 182 -13.27 4.85 27.51
CA THR E 182 -12.65 3.55 27.24
C THR E 182 -12.68 3.18 25.77
N ASN E 183 -13.01 4.11 24.87
CA ASN E 183 -12.99 3.81 23.46
C ASN E 183 -11.57 3.55 22.97
N GLY E 184 -11.47 2.80 21.87
CA GLY E 184 -10.23 2.78 21.13
C GLY E 184 -9.87 4.16 20.62
N VAL E 185 -8.58 4.36 20.37
CA VAL E 185 -8.09 5.69 20.02
C VAL E 185 -8.78 6.23 18.77
N GLY E 186 -9.19 5.35 17.87
CA GLY E 186 -9.91 5.77 16.68
C GLY E 186 -11.32 6.27 16.96
N TYR E 187 -11.91 5.87 18.08
CA TYR E 187 -13.23 6.32 18.48
C TYR E 187 -13.17 7.36 19.60
N GLN E 188 -11.98 7.88 19.90
CA GLN E 188 -11.82 8.92 20.91
C GLN E 188 -11.92 10.30 20.28
N PRO E 189 -12.27 11.32 21.06
CA PRO E 189 -12.39 12.66 20.50
C PRO E 189 -11.04 13.32 20.28
N TYR E 190 -10.93 14.00 19.14
CA TYR E 190 -9.79 14.81 18.79
C TYR E 190 -10.27 16.22 18.50
N ARG E 191 -9.58 17.20 19.07
CA ARG E 191 -9.84 18.59 18.76
C ARG E 191 -8.98 19.01 17.57
N VAL E 192 -9.59 19.74 16.65
CA VAL E 192 -8.96 20.11 15.39
C VAL E 192 -9.09 21.61 15.19
N VAL E 193 -7.97 22.26 14.87
CA VAL E 193 -7.92 23.63 14.39
C VAL E 193 -7.32 23.63 12.99
N VAL E 194 -8.04 24.19 12.04
CA VAL E 194 -7.59 24.39 10.67
C VAL E 194 -7.30 25.87 10.51
N LEU E 195 -6.05 26.22 10.24
CA LEU E 195 -5.67 27.57 9.87
C LEU E 195 -5.59 27.66 8.36
N SER E 196 -6.25 28.65 7.79
CA SER E 196 -6.14 28.93 6.36
C SER E 196 -5.81 30.40 6.17
N PHE E 197 -5.01 30.68 5.13
CA PHE E 197 -4.41 31.99 4.95
C PHE E 197 -4.96 32.63 3.68
N GLU E 198 -5.63 33.77 3.84
CA GLU E 198 -6.23 34.49 2.72
C GLU E 198 -5.39 35.73 2.45
N LEU E 199 -4.85 35.82 1.23
CA LEU E 199 -4.13 36.99 0.75
C LEU E 199 -4.85 37.51 -0.49
N LEU E 200 -5.90 38.29 -0.27
CA LEU E 200 -6.52 39.03 -1.36
C LEU E 200 -5.63 40.21 -1.73
N HIS E 201 -6.09 40.99 -2.70
CA HIS E 201 -5.36 42.20 -3.09
C HIS E 201 -5.94 43.39 -2.32
N ALA E 202 -5.67 43.37 -1.01
CA ALA E 202 -6.17 44.31 -0.03
C ALA E 202 -5.05 44.60 0.97
N PRO E 203 -5.23 45.51 1.94
CA PRO E 203 -4.20 45.69 2.96
C PRO E 203 -3.97 44.42 3.76
N ALA E 204 -2.70 44.03 3.88
CA ALA E 204 -2.32 42.87 4.67
C ALA E 204 -2.26 43.24 6.14
N THR E 205 -3.11 42.62 6.97
CA THR E 205 -3.28 43.01 8.35
C THR E 205 -2.78 41.98 9.35
N VAL E 206 -2.34 40.82 8.92
CA VAL E 206 -1.84 39.77 9.80
C VAL E 206 -0.39 39.50 9.43
N CYS E 207 0.54 39.79 10.33
CA CYS E 207 1.96 39.68 10.05
C CYS E 207 2.67 38.89 11.15
N GLY E 208 3.83 38.38 10.80
CA GLY E 208 4.73 37.83 11.79
C GLY E 208 5.45 38.92 12.54
N PRO E 209 6.15 38.52 13.61
CA PRO E 209 6.82 39.51 14.47
C PRO E 209 7.83 40.40 13.75
N LYS E 210 8.12 40.10 12.48
CA LYS E 210 8.99 40.92 11.63
C LYS E 210 8.25 41.99 10.86
C1 NAG F . -2.49 26.98 25.44
C2 NAG F . -1.48 27.94 24.82
C3 NAG F . -0.05 27.48 25.08
C4 NAG F . 0.18 27.18 26.56
C5 NAG F . -0.89 26.20 27.05
C6 NAG F . -0.79 25.92 28.53
C7 NAG F . -1.81 29.27 22.77
C8 NAG F . -2.05 29.21 21.29
N2 NAG F . -1.71 28.08 23.39
O3 NAG F . 0.85 28.50 24.66
O4 NAG F . 1.47 26.61 26.76
O5 NAG F . -2.18 26.76 26.82
O6 NAG F . -1.54 24.77 28.89
O7 NAG F . -1.70 30.33 23.38
C1 NAG F . 2.58 27.25 27.25
C2 NAG F . 3.76 26.28 27.33
C3 NAG F . 5.00 27.00 27.85
C4 NAG F . 5.28 28.25 27.00
C5 NAG F . 4.04 29.13 26.95
C6 NAG F . 4.21 30.34 26.06
C7 NAG F . 2.92 24.00 27.72
C8 NAG F . 2.67 22.93 28.75
N2 NAG F . 3.44 25.15 28.18
O3 NAG F . 6.12 26.12 27.79
O4 NAG F . 6.36 28.98 27.57
O5 NAG F . 2.93 28.38 26.44
O6 NAG F . 2.95 30.85 25.64
O7 NAG F . 2.69 23.83 26.54
#